data_5VBN
#
_entry.id   5VBN
#
_cell.length_a   92.260
_cell.length_b   201.459
_cell.length_c   78.336
_cell.angle_alpha   90.00
_cell.angle_beta   90.00
_cell.angle_gamma   90.00
#
_symmetry.space_group_name_H-M   'P 21 21 2'
#
loop_
_entity.id
_entity.type
_entity.pdbx_description
1 polymer 'DNA polymerase epsilon subunit 2'
2 polymer 'DNA polymerase epsilon catalytic subunit A'
3 non-polymer 'SULFATE ION'
4 non-polymer 'ZINC ION'
5 water water
#
loop_
_entity_poly.entity_id
_entity_poly.type
_entity_poly.pdbx_seq_one_letter_code
_entity_poly.pdbx_strand_id
1 'polypeptide(L)'
;MAPERLRSRALSAFKLRGLLLRGEAIKYLTEALQSISELELEDKLEKIINAVEKQPLSSNMIERSVVEAAVQECSQSVDE
TIEHVFNIIGAFDIPRFVYNSERKKFLPLLMTNHPAPNLFGTPRDKAEMFRERYTILHQRTHRHELFTPPVIGSHPDESG
SKFQLKTIETLLGSTTKIGDAIVLGMITQLKEGKFFLEDPTGTVQLDLSKAQFHSGLYTEACFVLAEGWFEDQVFHVNAF
GFPPTEPSSTTRAYYGNINFFGGPSNTSVKTSAKLKQLEEENKDAMFVFLSDVWLDQVEVLEKLRIMFAGYSPAPPTCFI
LCGNFSSAPYGKNQVQALKDSLKTLADIICEYPDIHQSSRFVFVPGPEDPGFGSILPRPPLAESITNEFRQRVPFSVFTT
NPCRIQYCTQEITVFREDLVNKMCRNCVRFPSSNLAIPNHFVKTILSQGHLTPLPLYVCPVYWAYDYALRVYPVPDLLVI
ADKYDPFTTTNTECLCINPGSFPRSGFSFKVFYPSNKTVEDSKLQGF
;
A,E
2 'polypeptide(L)'
;AQFRDPCRSYVLPEVICRSCNFCRDLDLCKDSSFSEDGAVLPQWLCSNCQAPYDSSAIEMTLVEVLQKKLMAFTLQDLVC
LKCRGVKETSMPVYCSCAGDFALTIHTQVFMEQIGIFRNIAQHYGMSYLLETLEWLLQKNPQLGH
;
B,F
#
loop_
_chem_comp.id
_chem_comp.type
_chem_comp.name
_chem_comp.formula
SO4 non-polymer 'SULFATE ION' 'O4 S -2'
ZN non-polymer 'ZINC ION' 'Zn 2'
#
# COMPACT_ATOMS: atom_id res chain seq x y z
N HIS A 84 -6.40 -12.63 33.28
CA HIS A 84 -7.82 -12.33 32.92
C HIS A 84 -7.99 -11.24 31.86
N VAL A 85 -6.95 -10.44 31.67
CA VAL A 85 -7.00 -9.35 30.69
C VAL A 85 -6.44 -9.77 29.32
N PHE A 86 -5.44 -10.65 29.33
CA PHE A 86 -4.77 -11.09 28.11
C PHE A 86 -4.40 -12.58 28.18
N ASN A 87 -5.20 -13.42 27.54
CA ASN A 87 -4.94 -14.86 27.56
C ASN A 87 -4.73 -15.44 26.17
N ILE A 88 -3.83 -16.41 26.06
CA ILE A 88 -3.58 -17.08 24.79
C ILE A 88 -4.10 -18.50 24.92
N ILE A 89 -5.07 -18.82 24.07
CA ILE A 89 -5.73 -20.11 24.09
C ILE A 89 -5.30 -21.01 22.94
N GLY A 90 -4.73 -22.16 23.26
CA GLY A 90 -4.31 -23.11 22.24
C GLY A 90 -5.48 -23.92 21.71
N ALA A 91 -5.35 -24.41 20.48
CA ALA A 91 -6.42 -25.17 19.85
C ALA A 91 -6.88 -26.35 20.70
N PHE A 92 -5.95 -27.05 21.31
CA PHE A 92 -6.31 -28.21 22.11
C PHE A 92 -6.84 -27.88 23.49
N ASP A 93 -7.03 -26.60 23.78
CA ASP A 93 -7.57 -26.18 25.08
C ASP A 93 -8.91 -25.47 24.89
N ILE A 94 -9.39 -25.49 23.66
CA ILE A 94 -10.66 -24.86 23.34
C ILE A 94 -11.78 -25.71 23.97
N PRO A 95 -12.61 -25.09 24.82
CA PRO A 95 -13.70 -25.81 25.47
C PRO A 95 -14.60 -26.47 24.43
N ARG A 96 -14.80 -27.79 24.53
CA ARG A 96 -15.64 -28.46 23.56
C ARG A 96 -17.11 -28.45 24.00
N PHE A 97 -17.97 -28.04 23.08
CA PHE A 97 -19.40 -28.00 23.32
C PHE A 97 -20.11 -28.82 22.27
N VAL A 98 -21.17 -29.50 22.68
CA VAL A 98 -21.92 -30.33 21.75
C VAL A 98 -23.35 -29.79 21.65
N TYR A 99 -23.82 -29.61 20.42
CA TYR A 99 -25.17 -29.12 20.23
C TYR A 99 -26.15 -30.24 20.49
N ASN A 100 -27.26 -29.89 21.14
CA ASN A 100 -28.31 -30.84 21.47
C ASN A 100 -29.54 -30.39 20.70
N SER A 101 -29.89 -31.13 19.65
CA SER A 101 -31.03 -30.77 18.83
C SER A 101 -32.34 -30.77 19.63
N GLU A 102 -32.36 -31.56 20.70
CA GLU A 102 -33.53 -31.68 21.57
C GLU A 102 -33.70 -30.44 22.45
N ARG A 103 -32.80 -30.26 23.42
CA ARG A 103 -32.87 -29.11 24.31
C ARG A 103 -32.51 -27.82 23.55
N LYS A 104 -32.01 -28.00 22.32
CA LYS A 104 -31.60 -26.90 21.46
C LYS A 104 -30.57 -25.99 22.13
N LYS A 105 -29.50 -26.57 22.64
CA LYS A 105 -28.47 -25.79 23.30
C LYS A 105 -27.09 -26.46 23.18
N PHE A 106 -26.03 -25.71 23.47
CA PHE A 106 -24.68 -26.24 23.42
C PHE A 106 -24.31 -26.68 24.83
N LEU A 107 -23.91 -27.93 24.98
CA LEU A 107 -23.56 -28.46 26.30
C LEU A 107 -22.10 -28.85 26.42
N PRO A 108 -21.50 -28.66 27.60
CA PRO A 108 -20.10 -29.00 27.82
C PRO A 108 -19.91 -30.48 27.52
N LEU A 109 -18.77 -30.85 26.95
CA LEU A 109 -18.50 -32.24 26.59
C LEU A 109 -18.85 -33.26 27.69
N LEU A 110 -18.28 -33.07 28.88
CA LEU A 110 -18.51 -33.98 30.00
C LEU A 110 -19.96 -34.02 30.46
N MET A 111 -20.76 -33.05 30.02
CA MET A 111 -22.18 -32.98 30.37
C MET A 111 -22.99 -33.78 29.36
N THR A 112 -22.31 -34.46 28.45
CA THR A 112 -22.99 -35.24 27.43
C THR A 112 -22.46 -36.66 27.36
N ASN A 113 -23.08 -37.44 26.49
CA ASN A 113 -22.68 -38.83 26.29
C ASN A 113 -21.86 -38.92 25.03
N HIS A 114 -21.28 -37.79 24.64
CA HIS A 114 -20.47 -37.72 23.43
C HIS A 114 -19.04 -38.11 23.79
N PRO A 115 -18.47 -39.06 23.04
CA PRO A 115 -17.10 -39.53 23.28
C PRO A 115 -16.09 -38.39 23.21
N ALA A 116 -15.06 -38.45 24.04
CA ALA A 116 -14.03 -37.40 24.04
C ALA A 116 -13.16 -37.56 22.80
N PRO A 117 -12.47 -36.48 22.40
CA PRO A 117 -11.60 -36.51 21.22
C PRO A 117 -10.21 -37.11 21.43
N ASN A 118 -9.69 -37.76 20.40
CA ASN A 118 -8.36 -38.35 20.40
C ASN A 118 -7.83 -38.09 19.02
N LEU A 119 -6.50 -38.10 18.86
CA LEU A 119 -5.92 -37.85 17.54
C LEU A 119 -6.32 -38.91 16.52
N PHE A 120 -6.31 -40.18 16.95
CA PHE A 120 -6.70 -41.27 16.07
C PHE A 120 -8.16 -41.58 16.40
N GLY A 121 -9.06 -41.04 15.58
CA GLY A 121 -10.47 -41.25 15.84
C GLY A 121 -11.05 -42.52 15.26
N THR A 122 -12.38 -42.61 15.35
CA THR A 122 -13.12 -43.77 14.86
C THR A 122 -13.81 -43.37 13.56
N PRO A 123 -14.30 -44.36 12.79
CA PRO A 123 -14.99 -44.06 11.54
C PRO A 123 -16.19 -43.17 11.81
N ARG A 124 -16.79 -43.34 12.99
CA ARG A 124 -17.93 -42.53 13.38
C ARG A 124 -17.52 -41.06 13.52
N ASP A 125 -16.38 -40.84 14.15
CA ASP A 125 -15.85 -39.49 14.33
C ASP A 125 -15.70 -38.80 12.99
N LYS A 126 -15.17 -39.52 12.00
CA LYS A 126 -14.99 -38.96 10.68
C LYS A 126 -16.29 -38.49 10.07
N ALA A 127 -17.39 -39.16 10.42
CA ALA A 127 -18.70 -38.80 9.91
C ALA A 127 -19.26 -37.58 10.67
N GLU A 128 -19.11 -37.59 11.99
CA GLU A 128 -19.58 -36.51 12.86
C GLU A 128 -19.00 -35.15 12.48
N MET A 129 -17.77 -35.19 12.00
CA MET A 129 -17.04 -34.01 11.59
C MET A 129 -17.91 -33.13 10.69
N PHE A 130 -18.42 -33.72 9.62
CA PHE A 130 -19.28 -33.00 8.68
C PHE A 130 -20.71 -32.85 9.18
N ARG A 131 -21.15 -33.76 10.05
CA ARG A 131 -22.48 -33.66 10.61
C ARG A 131 -22.56 -32.44 11.50
N GLU A 132 -21.53 -32.22 12.32
CA GLU A 132 -21.50 -31.05 13.19
C GLU A 132 -21.41 -29.78 12.37
N ARG A 133 -20.59 -29.82 11.31
CA ARG A 133 -20.44 -28.66 10.44
C ARG A 133 -21.79 -28.31 9.86
N TYR A 134 -22.58 -29.33 9.52
CA TYR A 134 -23.92 -29.12 9.00
C TYR A 134 -24.86 -28.65 10.12
N THR A 135 -24.77 -29.32 11.26
CA THR A 135 -25.61 -28.99 12.42
C THR A 135 -25.45 -27.58 12.96
N ILE A 136 -24.21 -27.08 13.05
CA ILE A 136 -24.01 -25.72 13.56
C ILE A 136 -24.65 -24.74 12.59
N LEU A 137 -24.57 -25.03 11.30
CA LEU A 137 -25.16 -24.14 10.30
C LEU A 137 -26.68 -24.24 10.28
N HIS A 138 -27.20 -25.45 10.41
CA HIS A 138 -28.64 -25.70 10.41
C HIS A 138 -29.29 -24.93 11.55
N GLN A 139 -28.82 -25.20 12.76
CA GLN A 139 -29.34 -24.53 13.94
C GLN A 139 -29.36 -23.02 13.74
N ARG A 140 -28.24 -22.49 13.25
CA ARG A 140 -28.09 -21.06 13.01
C ARG A 140 -29.04 -20.54 11.95
N THR A 141 -29.20 -21.35 10.90
CA THR A 141 -30.05 -20.99 9.77
C THR A 141 -31.54 -21.07 10.09
N HIS A 142 -31.90 -22.04 10.91
CA HIS A 142 -33.30 -22.22 11.28
C HIS A 142 -33.86 -21.02 12.06
N ARG A 143 -32.97 -20.17 12.58
CA ARG A 143 -33.38 -19.00 13.34
C ARG A 143 -33.46 -17.71 12.52
N HIS A 144 -32.84 -17.70 11.33
CA HIS A 144 -32.89 -16.51 10.48
C HIS A 144 -34.27 -16.47 9.83
N GLU A 145 -34.84 -17.67 9.67
CA GLU A 145 -36.18 -17.96 9.13
C GLU A 145 -36.30 -18.32 7.66
N PHE A 163 -38.44 -18.34 4.64
CA PHE A 163 -38.20 -19.49 3.77
C PHE A 163 -38.39 -20.83 4.50
N GLN A 164 -38.83 -21.85 3.77
CA GLN A 164 -39.04 -23.17 4.34
C GLN A 164 -38.04 -24.16 3.73
N LEU A 165 -37.03 -24.57 4.50
CA LEU A 165 -36.03 -25.50 3.98
C LEU A 165 -36.61 -26.91 3.92
N LYS A 166 -36.11 -27.72 2.98
CA LYS A 166 -36.53 -29.10 2.85
C LYS A 166 -35.28 -29.95 2.97
N THR A 167 -35.41 -31.13 3.57
CA THR A 167 -34.25 -32.01 3.72
C THR A 167 -34.13 -32.79 2.43
N ILE A 168 -32.99 -33.45 2.23
CA ILE A 168 -32.78 -34.20 1.00
C ILE A 168 -33.59 -35.48 0.90
N GLU A 169 -33.83 -36.15 2.03
CA GLU A 169 -34.61 -37.39 2.01
C GLU A 169 -36.01 -37.04 1.49
N THR A 170 -36.49 -35.85 1.85
CA THR A 170 -37.79 -35.39 1.42
C THR A 170 -37.88 -35.39 -0.10
N LEU A 171 -36.82 -34.90 -0.74
CA LEU A 171 -36.79 -34.85 -2.20
C LEU A 171 -36.63 -36.23 -2.81
N LEU A 172 -35.59 -36.95 -2.41
CA LEU A 172 -35.34 -38.29 -2.94
C LEU A 172 -36.58 -39.18 -2.83
N GLY A 173 -37.44 -38.86 -1.87
CA GLY A 173 -38.65 -39.63 -1.67
C GLY A 173 -39.70 -39.34 -2.73
N SER A 174 -40.23 -38.13 -2.72
CA SER A 174 -41.27 -37.68 -3.65
C SER A 174 -41.35 -38.40 -5.00
N THR A 175 -42.58 -38.62 -5.43
CA THR A 175 -42.89 -39.30 -6.69
C THR A 175 -43.25 -38.29 -7.76
N THR A 176 -43.28 -37.01 -7.37
CA THR A 176 -43.63 -35.96 -8.32
C THR A 176 -42.55 -34.87 -8.39
N LYS A 177 -42.68 -34.00 -9.37
CA LYS A 177 -41.75 -32.90 -9.54
C LYS A 177 -42.03 -31.85 -8.46
N ILE A 178 -41.00 -31.53 -7.68
CA ILE A 178 -41.11 -30.53 -6.63
C ILE A 178 -40.64 -29.21 -7.20
N GLY A 179 -41.59 -28.45 -7.74
CA GLY A 179 -41.30 -27.17 -8.37
C GLY A 179 -40.37 -26.19 -7.67
N ASP A 180 -40.58 -25.97 -6.39
CA ASP A 180 -39.73 -25.03 -5.67
C ASP A 180 -39.22 -25.68 -4.40
N ALA A 181 -37.93 -25.54 -4.14
CA ALA A 181 -37.35 -26.12 -2.95
C ALA A 181 -36.00 -25.52 -2.63
N ILE A 182 -35.79 -25.19 -1.36
CA ILE A 182 -34.52 -24.68 -0.89
C ILE A 182 -33.98 -25.67 0.13
N VAL A 183 -32.76 -26.13 -0.12
CA VAL A 183 -32.13 -27.11 0.75
C VAL A 183 -30.78 -26.62 1.27
N LEU A 184 -30.48 -26.95 2.52
CA LEU A 184 -29.20 -26.60 3.13
C LEU A 184 -28.37 -27.88 2.97
N GLY A 185 -27.24 -27.77 2.30
CA GLY A 185 -26.44 -28.97 2.11
C GLY A 185 -24.99 -28.69 1.79
N MET A 186 -24.21 -29.75 1.78
CA MET A 186 -22.80 -29.65 1.49
C MET A 186 -22.55 -30.08 0.06
N ILE A 187 -21.83 -29.26 -0.69
CA ILE A 187 -21.48 -29.57 -2.07
C ILE A 187 -20.31 -30.54 -2.07
N THR A 188 -20.42 -31.61 -2.82
CA THR A 188 -19.34 -32.59 -2.92
C THR A 188 -19.21 -32.94 -4.39
N GLN A 189 -17.99 -33.20 -4.83
CA GLN A 189 -17.79 -33.57 -6.23
C GLN A 189 -17.36 -35.01 -6.17
N LEU A 190 -18.32 -35.91 -6.32
CA LEU A 190 -18.03 -37.34 -6.28
C LEU A 190 -17.28 -37.80 -7.53
N LYS A 191 -17.63 -37.22 -8.68
CA LYS A 191 -16.95 -37.54 -9.94
C LYS A 191 -16.61 -36.18 -10.54
N GLU A 192 -15.59 -36.12 -11.41
CA GLU A 192 -15.19 -34.85 -12.00
C GLU A 192 -16.32 -34.18 -12.78
N GLY A 193 -16.66 -32.95 -12.38
CA GLY A 193 -17.72 -32.23 -13.04
C GLY A 193 -19.10 -32.64 -12.55
N LYS A 194 -19.16 -33.73 -11.80
CA LYS A 194 -20.42 -34.23 -11.25
C LYS A 194 -20.54 -33.81 -9.79
N PHE A 195 -21.44 -32.88 -9.52
CA PHE A 195 -21.64 -32.38 -8.17
C PHE A 195 -22.88 -32.96 -7.52
N PHE A 196 -22.84 -33.08 -6.19
CA PHE A 196 -23.94 -33.60 -5.39
C PHE A 196 -24.16 -32.71 -4.18
N LEU A 197 -25.32 -32.83 -3.56
CA LEU A 197 -25.64 -32.05 -2.37
C LEU A 197 -25.89 -33.07 -1.26
N GLU A 198 -25.23 -32.90 -0.12
CA GLU A 198 -25.37 -33.85 0.96
C GLU A 198 -25.79 -33.26 2.29
N ASP A 199 -26.61 -34.01 3.02
CA ASP A 199 -27.03 -33.60 4.36
C ASP A 199 -27.21 -34.90 5.15
N PRO A 200 -27.48 -34.80 6.47
CA PRO A 200 -27.65 -36.03 7.26
C PRO A 200 -28.65 -37.05 6.71
N THR A 201 -29.70 -36.56 6.05
CA THR A 201 -30.72 -37.45 5.50
C THR A 201 -30.42 -38.08 4.14
N GLY A 202 -29.39 -37.63 3.46
CA GLY A 202 -29.09 -38.21 2.17
C GLY A 202 -28.31 -37.33 1.22
N THR A 203 -28.04 -37.89 0.05
CA THR A 203 -27.28 -37.20 -0.99
C THR A 203 -28.09 -37.15 -2.28
N VAL A 204 -27.98 -36.04 -3.01
CA VAL A 204 -28.71 -35.92 -4.26
C VAL A 204 -27.89 -35.31 -5.39
N GLN A 205 -28.00 -35.93 -6.56
CA GLN A 205 -27.33 -35.48 -7.78
C GLN A 205 -27.72 -34.02 -8.03
N LEU A 206 -26.74 -33.19 -8.37
CA LEU A 206 -26.99 -31.78 -8.63
C LEU A 206 -26.79 -31.38 -10.09
N ASP A 207 -27.64 -30.48 -10.56
CA ASP A 207 -27.55 -29.96 -11.91
C ASP A 207 -27.41 -28.46 -11.66
N LEU A 208 -26.17 -27.95 -11.72
CA LEU A 208 -25.93 -26.54 -11.47
C LEU A 208 -25.61 -25.81 -12.78
N SER A 209 -25.78 -26.51 -13.90
CA SER A 209 -25.49 -25.97 -15.22
C SER A 209 -26.17 -24.63 -15.52
N LYS A 210 -27.25 -24.30 -14.81
CA LYS A 210 -27.97 -23.03 -15.03
C LYS A 210 -28.11 -22.22 -13.75
N ALA A 211 -27.30 -22.54 -12.75
CA ALA A 211 -27.37 -21.85 -11.47
C ALA A 211 -26.61 -20.53 -11.40
N GLN A 212 -27.12 -19.63 -10.58
CA GLN A 212 -26.48 -18.34 -10.35
C GLN A 212 -25.98 -18.38 -8.92
N PHE A 213 -24.93 -17.62 -8.66
CA PHE A 213 -24.35 -17.58 -7.32
C PHE A 213 -24.36 -16.21 -6.69
N HIS A 214 -24.64 -16.17 -5.39
CA HIS A 214 -24.57 -14.92 -4.66
C HIS A 214 -23.07 -14.73 -4.45
N SER A 215 -22.68 -13.62 -3.85
CA SER A 215 -21.27 -13.38 -3.61
C SER A 215 -20.68 -14.47 -2.70
N GLY A 216 -19.35 -14.63 -2.75
CA GLY A 216 -18.69 -15.63 -1.94
C GLY A 216 -17.82 -16.54 -2.78
N LEU A 217 -16.96 -17.30 -2.12
CA LEU A 217 -16.06 -18.24 -2.77
C LEU A 217 -16.65 -19.61 -2.54
N TYR A 218 -17.37 -20.14 -3.53
CA TYR A 218 -18.01 -21.46 -3.39
C TYR A 218 -17.08 -22.61 -3.71
N THR A 219 -16.81 -23.44 -2.72
CA THR A 219 -15.89 -24.54 -2.92
C THR A 219 -16.49 -25.88 -2.55
N GLU A 220 -15.78 -26.91 -2.95
CA GLU A 220 -16.14 -28.28 -2.63
C GLU A 220 -16.09 -28.33 -1.09
N ALA A 221 -17.18 -28.79 -0.50
CA ALA A 221 -17.36 -28.94 0.95
C ALA A 221 -18.03 -27.75 1.62
N CYS A 222 -18.35 -26.72 0.85
CA CYS A 222 -19.04 -25.56 1.40
C CYS A 222 -20.49 -25.92 1.61
N PHE A 223 -21.10 -25.38 2.66
CA PHE A 223 -22.51 -25.64 2.87
C PHE A 223 -23.22 -24.49 2.22
N VAL A 224 -24.28 -24.79 1.50
CA VAL A 224 -25.02 -23.76 0.81
C VAL A 224 -26.52 -23.93 0.92
N LEU A 225 -27.24 -22.87 0.56
CA LEU A 225 -28.69 -22.91 0.50
C LEU A 225 -28.90 -22.98 -1.01
N ALA A 226 -29.34 -24.13 -1.50
CA ALA A 226 -29.59 -24.31 -2.92
C ALA A 226 -31.08 -24.25 -3.22
N GLU A 227 -31.47 -23.29 -4.07
CA GLU A 227 -32.86 -23.09 -4.45
C GLU A 227 -33.08 -23.62 -5.87
N GLY A 228 -34.17 -24.35 -6.06
CA GLY A 228 -34.46 -24.90 -7.38
C GLY A 228 -35.64 -25.84 -7.41
N TRP A 229 -35.63 -26.78 -8.36
CA TRP A 229 -36.70 -27.75 -8.48
C TRP A 229 -36.11 -29.16 -8.57
N PHE A 230 -36.90 -30.16 -8.18
CA PHE A 230 -36.45 -31.54 -8.18
C PHE A 230 -37.35 -32.46 -9.00
N GLU A 231 -36.72 -33.39 -9.74
CA GLU A 231 -37.48 -34.33 -10.55
C GLU A 231 -36.57 -35.40 -11.09
N ASP A 232 -37.03 -36.65 -11.00
CA ASP A 232 -36.30 -37.82 -11.48
C ASP A 232 -34.92 -37.95 -10.86
N GLN A 233 -34.90 -37.88 -9.53
CA GLN A 233 -33.69 -38.01 -8.73
C GLN A 233 -32.55 -37.03 -9.06
N VAL A 234 -32.93 -35.83 -9.50
CA VAL A 234 -31.96 -34.79 -9.82
C VAL A 234 -32.46 -33.44 -9.34
N PHE A 235 -31.58 -32.71 -8.66
CA PHE A 235 -31.89 -31.39 -8.12
C PHE A 235 -31.31 -30.32 -9.03
N HIS A 236 -32.21 -29.62 -9.73
CA HIS A 236 -31.84 -28.56 -10.66
C HIS A 236 -31.81 -27.25 -9.91
N VAL A 237 -30.61 -26.73 -9.71
CA VAL A 237 -30.42 -25.49 -8.97
C VAL A 237 -30.46 -24.23 -9.79
N ASN A 238 -31.24 -23.26 -9.32
CA ASN A 238 -31.32 -21.98 -10.01
C ASN A 238 -30.38 -20.99 -9.32
N ALA A 239 -30.37 -20.99 -8.00
CA ALA A 239 -29.51 -20.08 -7.27
C ALA A 239 -28.84 -20.75 -6.09
N PHE A 240 -27.59 -20.37 -5.85
CA PHE A 240 -26.81 -20.89 -4.73
C PHE A 240 -26.57 -19.69 -3.82
N GLY A 241 -26.59 -19.93 -2.52
CA GLY A 241 -26.35 -18.85 -1.57
C GLY A 241 -25.72 -19.48 -0.36
N PHE A 242 -25.28 -18.68 0.59
CA PHE A 242 -24.67 -19.22 1.80
C PHE A 242 -25.64 -19.01 2.96
N PRO A 243 -25.59 -19.87 3.98
CA PRO A 243 -26.50 -19.63 5.10
C PRO A 243 -26.12 -18.28 5.72
N PRO A 244 -27.12 -17.45 6.03
CA PRO A 244 -26.90 -16.13 6.63
C PRO A 244 -26.00 -16.16 7.85
N THR A 245 -25.08 -15.20 7.92
CA THR A 245 -24.17 -15.11 9.04
C THR A 245 -24.85 -14.46 10.23
N GLU A 246 -24.64 -15.04 11.39
CA GLU A 246 -25.23 -14.56 12.63
C GLU A 246 -24.19 -13.83 13.47
N PRO A 247 -24.39 -12.54 13.75
CA PRO A 247 -23.45 -11.75 14.55
C PRO A 247 -23.38 -12.18 16.01
N SER A 248 -22.27 -11.84 16.66
CA SER A 248 -22.04 -12.19 18.06
C SER A 248 -23.22 -11.85 18.96
N SER A 249 -23.71 -10.62 18.82
CA SER A 249 -24.83 -10.16 19.60
C SER A 249 -26.00 -11.13 19.50
N THR A 250 -26.28 -11.60 18.29
CA THR A 250 -27.40 -12.52 18.11
C THR A 250 -27.14 -13.88 18.75
N THR A 251 -25.94 -14.43 18.56
CA THR A 251 -25.61 -15.72 19.12
C THR A 251 -25.71 -15.64 20.65
N ARG A 252 -25.23 -14.52 21.20
CA ARG A 252 -25.25 -14.30 22.64
C ARG A 252 -26.68 -14.17 23.17
N ALA A 253 -27.55 -13.60 22.36
CA ALA A 253 -28.95 -13.44 22.73
C ALA A 253 -29.65 -14.79 22.83
N TYR A 254 -29.38 -15.69 21.89
CA TYR A 254 -30.00 -17.02 21.92
C TYR A 254 -29.42 -17.94 22.98
N TYR A 255 -28.10 -18.09 22.99
CA TYR A 255 -27.44 -19.01 23.91
C TYR A 255 -27.00 -18.51 25.27
N GLY A 256 -26.96 -17.19 25.45
CA GLY A 256 -26.57 -16.68 26.74
C GLY A 256 -25.15 -16.16 26.83
N ASN A 257 -24.43 -16.58 27.86
CA ASN A 257 -23.06 -16.12 28.05
C ASN A 257 -22.04 -17.24 28.16
N ILE A 258 -22.37 -18.36 27.54
CA ILE A 258 -21.48 -19.51 27.52
C ILE A 258 -20.15 -19.00 26.95
N ASN A 259 -19.04 -19.43 27.53
CA ASN A 259 -17.74 -19.01 27.02
C ASN A 259 -17.29 -20.01 25.97
N PHE A 260 -17.72 -19.80 24.73
CA PHE A 260 -17.33 -20.69 23.65
C PHE A 260 -15.87 -20.48 23.28
N PHE A 261 -15.41 -19.24 23.42
CA PHE A 261 -14.05 -18.91 23.06
C PHE A 261 -12.98 -19.69 23.80
N GLY A 262 -13.11 -19.76 25.12
CA GLY A 262 -12.13 -20.47 25.92
C GLY A 262 -11.39 -19.52 26.82
N GLY A 263 -10.41 -20.02 27.55
CA GLY A 263 -9.64 -19.17 28.45
C GLY A 263 -10.12 -19.23 29.90
N PRO A 264 -9.45 -18.53 30.81
CA PRO A 264 -9.71 -18.45 32.25
C PRO A 264 -11.17 -18.27 32.65
N SER A 265 -11.84 -17.31 32.02
CA SER A 265 -13.23 -17.01 32.31
C SER A 265 -14.16 -18.19 32.09
N ASN A 266 -15.30 -18.19 32.77
CA ASN A 266 -16.27 -19.27 32.58
C ASN A 266 -17.52 -18.67 31.93
N THR A 267 -17.45 -17.36 31.69
CA THR A 267 -18.52 -16.62 31.03
C THR A 267 -17.90 -15.76 29.90
N SER A 268 -18.69 -15.45 28.88
CA SER A 268 -18.21 -14.64 27.76
C SER A 268 -17.57 -13.35 28.27
N VAL A 269 -16.44 -12.98 27.67
CA VAL A 269 -15.75 -11.75 28.06
C VAL A 269 -16.44 -10.50 27.53
N LYS A 270 -17.32 -10.68 26.56
CA LYS A 270 -18.03 -9.55 25.99
C LYS A 270 -19.10 -9.05 26.95
N THR A 271 -19.20 -9.73 28.09
CA THR A 271 -20.20 -9.42 29.12
C THR A 271 -19.54 -8.98 30.45
N SER A 272 -18.33 -8.44 30.37
CA SER A 272 -17.62 -8.01 31.57
C SER A 272 -17.40 -6.51 31.56
N ALA A 273 -18.33 -5.76 32.12
CA ALA A 273 -18.23 -4.30 32.16
C ALA A 273 -16.89 -3.82 32.72
N LYS A 274 -16.23 -4.68 33.49
CA LYS A 274 -14.94 -4.38 34.08
C LYS A 274 -13.89 -4.33 32.98
N LEU A 275 -13.78 -5.43 32.24
CA LEU A 275 -12.81 -5.53 31.14
C LEU A 275 -13.10 -4.48 30.06
N LYS A 276 -14.38 -4.16 29.86
CA LYS A 276 -14.79 -3.16 28.88
C LYS A 276 -14.17 -1.83 29.30
N GLN A 277 -14.19 -1.58 30.59
CA GLN A 277 -13.63 -0.37 31.17
C GLN A 277 -12.14 -0.30 30.81
N LEU A 278 -11.39 -1.32 31.24
CA LEU A 278 -9.95 -1.41 30.98
C LEU A 278 -9.63 -1.29 29.50
N GLU A 279 -10.44 -1.93 28.67
CA GLU A 279 -10.26 -1.91 27.23
C GLU A 279 -10.30 -0.51 26.65
N GLU A 280 -11.25 0.29 27.12
CA GLU A 280 -11.42 1.66 26.63
C GLU A 280 -10.41 2.61 27.22
N GLU A 281 -9.89 2.29 28.40
CA GLU A 281 -8.91 3.15 29.04
C GLU A 281 -7.54 3.00 28.37
N ASN A 282 -7.15 1.75 28.10
CA ASN A 282 -5.85 1.49 27.48
C ASN A 282 -5.91 1.73 25.98
N LYS A 283 -5.94 3.02 25.62
CA LYS A 283 -6.00 3.43 24.23
C LYS A 283 -4.73 3.13 23.47
N ASP A 284 -3.64 2.93 24.20
CA ASP A 284 -2.38 2.65 23.55
C ASP A 284 -2.17 1.16 23.28
N ALA A 285 -3.11 0.33 23.72
CA ALA A 285 -3.01 -1.11 23.52
C ALA A 285 -2.85 -1.37 22.02
N MET A 286 -1.97 -2.29 21.67
CA MET A 286 -1.70 -2.55 20.26
C MET A 286 -1.14 -3.92 19.95
N PHE A 287 -1.68 -4.56 18.91
CA PHE A 287 -1.22 -5.88 18.50
C PHE A 287 -0.63 -5.83 17.08
N VAL A 288 0.62 -6.29 16.94
CA VAL A 288 1.31 -6.30 15.65
C VAL A 288 1.34 -7.71 15.05
N PHE A 289 0.81 -7.86 13.86
CA PHE A 289 0.76 -9.16 13.20
C PHE A 289 1.68 -9.23 11.97
N LEU A 290 2.54 -10.25 11.93
CA LEU A 290 3.47 -10.52 10.81
C LEU A 290 3.33 -12.02 10.49
N SER A 291 3.62 -12.38 9.24
CA SER A 291 3.49 -13.76 8.78
C SER A 291 4.70 -14.12 7.93
N ASP A 292 5.03 -15.40 7.85
CA ASP A 292 6.18 -15.88 7.11
C ASP A 292 7.47 -15.15 7.54
N VAL A 293 7.68 -15.03 8.85
CA VAL A 293 8.89 -14.38 9.37
C VAL A 293 10.08 -15.34 9.19
N TRP A 294 10.69 -15.36 8.02
CA TRP A 294 11.80 -16.23 7.75
C TRP A 294 13.06 -15.75 8.46
N LEU A 295 13.29 -16.26 9.67
CA LEU A 295 14.44 -15.89 10.48
C LEU A 295 15.80 -16.27 9.91
N ASP A 296 15.80 -17.09 8.88
CA ASP A 296 17.06 -17.50 8.28
C ASP A 296 17.51 -16.49 7.23
N GLN A 297 16.65 -15.52 6.90
CA GLN A 297 17.00 -14.48 5.89
C GLN A 297 17.51 -13.19 6.53
N VAL A 298 18.71 -12.77 6.11
CA VAL A 298 19.30 -11.54 6.63
C VAL A 298 18.34 -10.35 6.53
N GLU A 299 17.77 -10.11 5.35
CA GLU A 299 16.87 -8.98 5.21
C GLU A 299 15.67 -9.02 6.16
N VAL A 300 15.14 -10.20 6.44
CA VAL A 300 14.01 -10.27 7.36
C VAL A 300 14.47 -9.80 8.75
N LEU A 301 15.65 -10.25 9.17
CA LEU A 301 16.17 -9.85 10.48
C LEU A 301 16.42 -8.34 10.52
N GLU A 302 16.99 -7.79 9.46
CA GLU A 302 17.24 -6.35 9.41
C GLU A 302 15.92 -5.55 9.54
N LYS A 303 14.86 -6.03 8.91
CA LYS A 303 13.60 -5.31 9.00
C LYS A 303 12.93 -5.49 10.37
N LEU A 304 13.19 -6.61 11.03
CA LEU A 304 12.65 -6.81 12.36
C LEU A 304 13.34 -5.80 13.28
N ARG A 305 14.61 -5.52 13.01
CA ARG A 305 15.35 -4.54 13.83
C ARG A 305 14.73 -3.16 13.73
N ILE A 306 14.45 -2.76 12.50
CA ILE A 306 13.85 -1.49 12.19
C ILE A 306 12.50 -1.39 12.91
N MET A 307 11.76 -2.49 12.92
CA MET A 307 10.46 -2.52 13.58
C MET A 307 10.65 -2.35 15.09
N PHE A 308 11.64 -3.03 15.65
CA PHE A 308 11.91 -2.92 17.09
C PHE A 308 12.43 -1.54 17.44
N ALA A 309 13.27 -0.97 16.59
CA ALA A 309 13.77 0.38 16.83
C ALA A 309 12.58 1.34 16.79
N GLY A 310 11.82 1.27 15.70
CA GLY A 310 10.68 2.16 15.55
C GLY A 310 9.62 2.05 16.64
N TYR A 311 9.49 0.88 17.24
CA TYR A 311 8.51 0.67 18.29
C TYR A 311 9.04 0.90 19.70
N SER A 312 10.35 1.12 19.83
CA SER A 312 10.91 1.34 21.16
C SER A 312 10.24 2.46 21.96
N PRO A 313 10.03 3.62 21.35
CA PRO A 313 9.39 4.70 22.10
C PRO A 313 7.96 4.41 22.52
N ALA A 314 7.36 3.37 21.93
CA ALA A 314 5.99 2.99 22.25
C ALA A 314 5.81 1.50 21.94
N PRO A 315 6.41 0.63 22.76
CA PRO A 315 6.32 -0.83 22.56
C PRO A 315 4.91 -1.40 22.55
N PRO A 316 4.58 -2.17 21.50
CA PRO A 316 3.25 -2.75 21.43
C PRO A 316 2.96 -3.80 22.49
N THR A 317 1.68 -3.96 22.78
CA THR A 317 1.21 -4.91 23.77
C THR A 317 1.71 -6.31 23.41
N CYS A 318 1.65 -6.63 22.13
CA CYS A 318 2.03 -7.94 21.69
C CYS A 318 2.41 -7.99 20.23
N PHE A 319 3.40 -8.82 19.91
CA PHE A 319 3.81 -9.04 18.54
C PHE A 319 3.38 -10.46 18.21
N ILE A 320 2.47 -10.63 17.26
CA ILE A 320 2.08 -11.98 16.89
C ILE A 320 2.88 -12.30 15.63
N LEU A 321 3.89 -13.16 15.78
CA LEU A 321 4.75 -13.54 14.67
C LEU A 321 4.30 -14.89 14.12
N CYS A 322 3.83 -14.89 12.89
CA CYS A 322 3.36 -16.11 12.30
C CYS A 322 4.34 -16.88 11.49
N GLY A 323 4.01 -18.16 11.47
CA GLY A 323 4.74 -19.20 10.82
C GLY A 323 5.31 -19.19 9.43
N ASN A 324 6.19 -20.18 9.36
CA ASN A 324 7.07 -20.57 8.31
C ASN A 324 8.15 -19.59 8.70
N PHE A 325 8.93 -20.08 9.66
CA PHE A 325 10.04 -19.34 10.24
C PHE A 325 11.33 -19.65 9.51
N SER A 326 11.21 -20.30 8.36
CA SER A 326 12.37 -20.59 7.54
C SER A 326 11.99 -20.46 6.08
N SER A 327 12.85 -19.78 5.33
CA SER A 327 12.63 -19.62 3.90
C SER A 327 12.96 -20.93 3.20
N ALA A 328 13.64 -21.82 3.90
CA ALA A 328 14.05 -23.09 3.30
C ALA A 328 13.82 -24.32 4.17
N PRO A 329 12.64 -24.95 4.04
CA PRO A 329 12.37 -26.15 4.85
C PRO A 329 12.92 -27.45 4.23
N TYR A 330 13.97 -27.35 3.43
CA TYR A 330 14.61 -28.53 2.80
C TYR A 330 15.74 -28.91 3.76
N GLY A 331 16.56 -27.92 4.08
CA GLY A 331 17.64 -28.05 5.05
C GLY A 331 18.85 -28.98 5.05
N LYS A 332 19.87 -28.47 5.72
CA LYS A 332 21.13 -29.17 5.93
C LYS A 332 20.84 -29.92 7.24
N ASN A 333 19.74 -29.49 7.88
CA ASN A 333 19.21 -30.03 9.13
C ASN A 333 18.22 -29.01 9.72
N GLN A 334 16.98 -29.15 9.29
CA GLN A 334 15.88 -28.27 9.67
C GLN A 334 15.75 -27.83 11.13
N VAL A 335 15.51 -28.76 12.04
CA VAL A 335 15.33 -28.40 13.45
C VAL A 335 16.45 -27.56 14.07
N GLN A 336 17.70 -27.83 13.70
CA GLN A 336 18.81 -27.08 14.27
C GLN A 336 18.90 -25.69 13.62
N ALA A 337 18.51 -25.58 12.36
CA ALA A 337 18.57 -24.29 11.67
C ALA A 337 17.56 -23.37 12.34
N LEU A 338 16.39 -23.93 12.67
CA LEU A 338 15.36 -23.16 13.30
C LEU A 338 15.83 -22.73 14.70
N LYS A 339 16.45 -23.64 15.44
CA LYS A 339 16.96 -23.32 16.78
C LYS A 339 18.00 -22.21 16.76
N ASP A 340 18.86 -22.25 15.74
CA ASP A 340 19.89 -21.23 15.56
C ASP A 340 19.25 -19.88 15.30
N SER A 341 18.26 -19.87 14.40
CA SER A 341 17.53 -18.66 14.01
C SER A 341 16.89 -18.00 15.21
N LEU A 342 16.33 -18.81 16.10
CA LEU A 342 15.67 -18.27 17.27
C LEU A 342 16.70 -17.62 18.19
N LYS A 343 17.93 -18.10 18.13
CA LYS A 343 18.99 -17.54 18.96
C LYS A 343 19.25 -16.11 18.50
N THR A 344 19.33 -15.93 17.20
CA THR A 344 19.53 -14.62 16.60
C THR A 344 18.35 -13.70 16.92
N LEU A 345 17.13 -14.20 16.79
CA LEU A 345 15.97 -13.37 17.10
C LEU A 345 16.07 -12.92 18.56
N ALA A 346 16.39 -13.83 19.46
CA ALA A 346 16.49 -13.50 20.89
C ALA A 346 17.54 -12.40 21.10
N ASP A 347 18.64 -12.50 20.37
CA ASP A 347 19.73 -11.53 20.46
C ASP A 347 19.21 -10.16 20.05
N ILE A 348 18.49 -10.10 18.93
CA ILE A 348 17.96 -8.83 18.45
C ILE A 348 16.92 -8.25 19.42
N ILE A 349 16.02 -9.08 19.91
CA ILE A 349 15.02 -8.57 20.85
C ILE A 349 15.71 -8.01 22.11
N CYS A 350 16.77 -8.67 22.55
CA CYS A 350 17.48 -8.23 23.75
C CYS A 350 18.24 -6.93 23.56
N GLU A 351 18.51 -6.58 22.30
CA GLU A 351 19.21 -5.35 21.99
C GLU A 351 18.27 -4.15 22.02
N TYR A 352 16.98 -4.39 22.22
CA TYR A 352 15.98 -3.34 22.29
C TYR A 352 15.23 -3.54 23.60
N PRO A 353 15.90 -3.22 24.71
CA PRO A 353 15.33 -3.36 26.06
C PRO A 353 13.92 -2.83 26.27
N ASP A 354 13.57 -1.76 25.56
CA ASP A 354 12.24 -1.19 25.66
C ASP A 354 11.19 -2.19 25.18
N ILE A 355 11.53 -2.93 24.12
CA ILE A 355 10.63 -3.93 23.57
C ILE A 355 10.71 -5.21 24.40
N HIS A 356 11.95 -5.61 24.69
CA HIS A 356 12.19 -6.81 25.47
C HIS A 356 11.46 -6.82 26.79
N GLN A 357 11.36 -5.65 27.43
CA GLN A 357 10.72 -5.57 28.73
C GLN A 357 9.23 -5.31 28.74
N SER A 358 8.68 -4.81 27.65
CA SER A 358 7.25 -4.50 27.61
C SER A 358 6.40 -5.38 26.70
N SER A 359 6.90 -5.66 25.50
CA SER A 359 6.13 -6.42 24.54
C SER A 359 6.12 -7.93 24.71
N ARG A 360 4.94 -8.53 24.57
CA ARG A 360 4.78 -9.97 24.66
C ARG A 360 4.94 -10.48 23.23
N PHE A 361 5.45 -11.70 23.06
CA PHE A 361 5.62 -12.28 21.73
C PHE A 361 4.83 -13.58 21.66
N VAL A 362 4.06 -13.74 20.59
CA VAL A 362 3.28 -14.96 20.37
C VAL A 362 3.68 -15.56 19.03
N PHE A 363 4.06 -16.83 19.03
CA PHE A 363 4.48 -17.49 17.81
C PHE A 363 3.44 -18.51 17.35
N VAL A 364 2.80 -18.24 16.24
CA VAL A 364 1.82 -19.15 15.67
C VAL A 364 2.55 -19.87 14.53
N PRO A 365 2.76 -21.19 14.64
CA PRO A 365 3.45 -22.00 13.64
C PRO A 365 2.72 -22.19 12.30
N GLY A 366 3.48 -22.27 11.21
CA GLY A 366 2.92 -22.46 9.90
C GLY A 366 2.90 -23.91 9.47
N PRO A 367 2.27 -24.23 8.34
CA PRO A 367 2.22 -25.62 7.87
C PRO A 367 3.57 -26.24 7.50
N GLU A 368 4.59 -25.42 7.27
CA GLU A 368 5.90 -25.96 6.90
C GLU A 368 6.86 -26.06 8.10
N ASP A 369 6.48 -25.51 9.25
CA ASP A 369 7.37 -25.57 10.40
C ASP A 369 7.39 -26.95 11.04
N PRO A 370 8.53 -27.33 11.67
CA PRO A 370 8.70 -28.63 12.32
C PRO A 370 7.48 -28.96 13.17
N GLY A 371 7.10 -30.23 13.19
CA GLY A 371 5.91 -30.65 13.92
C GLY A 371 5.03 -31.29 12.87
N PHE A 372 3.77 -31.58 13.20
CA PHE A 372 2.91 -32.19 12.20
C PHE A 372 2.10 -31.07 11.62
N GLY A 373 2.79 -30.17 10.91
CA GLY A 373 2.17 -28.99 10.35
C GLY A 373 1.10 -29.13 9.28
N SER A 374 1.03 -30.30 8.65
CA SER A 374 0.05 -30.48 7.59
C SER A 374 -1.29 -31.02 8.01
N ILE A 375 -1.49 -31.23 9.32
CA ILE A 375 -2.79 -31.70 9.82
C ILE A 375 -3.20 -30.70 10.89
N LEU A 376 -4.45 -30.27 10.84
CA LEU A 376 -4.96 -29.30 11.79
C LEU A 376 -5.92 -29.84 12.83
N PRO A 377 -5.92 -29.26 14.04
CA PRO A 377 -5.07 -28.14 14.48
C PRO A 377 -3.67 -28.72 14.64
N ARG A 378 -2.63 -27.91 14.46
CA ARG A 378 -1.27 -28.44 14.63
C ARG A 378 -0.76 -27.93 15.95
N PRO A 379 0.09 -28.72 16.63
CA PRO A 379 0.65 -28.34 17.93
C PRO A 379 1.73 -27.28 17.76
N PRO A 380 2.16 -26.68 18.87
CA PRO A 380 3.20 -25.65 18.81
C PRO A 380 4.57 -26.25 18.48
N LEU A 381 5.55 -25.40 18.19
CA LEU A 381 6.88 -25.92 17.91
C LEU A 381 7.30 -26.68 19.18
N ALA A 382 8.05 -27.77 19.00
CA ALA A 382 8.53 -28.58 20.11
C ALA A 382 9.30 -27.72 21.13
N GLU A 383 9.07 -28.01 22.41
CA GLU A 383 9.73 -27.26 23.47
C GLU A 383 11.25 -27.35 23.41
N SER A 384 11.77 -28.46 22.93
CA SER A 384 13.21 -28.58 22.82
C SER A 384 13.72 -27.51 21.90
N ILE A 385 12.92 -27.13 20.91
CA ILE A 385 13.29 -26.11 19.93
C ILE A 385 13.23 -24.68 20.46
N THR A 386 12.32 -24.45 21.40
CA THR A 386 12.10 -23.12 21.91
C THR A 386 12.56 -22.77 23.32
N ASN A 387 13.00 -23.78 24.08
CA ASN A 387 13.43 -23.56 25.45
C ASN A 387 14.41 -22.42 25.64
N GLU A 388 15.47 -22.43 24.85
CA GLU A 388 16.50 -21.41 24.91
C GLU A 388 15.94 -20.01 24.66
N PHE A 389 15.13 -19.87 23.62
CA PHE A 389 14.54 -18.59 23.29
C PHE A 389 13.68 -18.10 24.47
N ARG A 390 12.85 -19.00 24.99
CA ARG A 390 11.97 -18.62 26.09
C ARG A 390 12.73 -18.25 27.38
N GLN A 391 13.98 -18.67 27.49
CA GLN A 391 14.74 -18.33 28.68
C GLN A 391 15.19 -16.88 28.57
N ARG A 392 15.58 -16.47 27.36
CA ARG A 392 16.03 -15.12 27.12
C ARG A 392 14.88 -14.14 26.97
N VAL A 393 13.76 -14.59 26.41
CA VAL A 393 12.59 -13.75 26.21
C VAL A 393 11.41 -14.40 26.94
N PRO A 394 11.39 -14.27 28.27
CA PRO A 394 10.33 -14.85 29.10
C PRO A 394 8.89 -14.47 28.77
N PHE A 395 8.69 -13.36 28.09
CA PHE A 395 7.34 -12.93 27.76
C PHE A 395 6.87 -13.47 26.43
N SER A 396 7.28 -14.68 26.11
CA SER A 396 6.86 -15.26 24.86
C SER A 396 6.12 -16.57 25.08
N VAL A 397 5.27 -16.92 24.14
CA VAL A 397 4.55 -18.17 24.20
C VAL A 397 4.42 -18.69 22.79
N PHE A 398 4.80 -19.95 22.61
CA PHE A 398 4.71 -20.61 21.32
C PHE A 398 3.44 -21.43 21.39
N THR A 399 2.46 -21.03 20.58
CA THR A 399 1.16 -21.67 20.61
C THR A 399 0.84 -22.53 19.40
N THR A 400 -0.41 -22.97 19.34
CA THR A 400 -0.90 -23.82 18.27
C THR A 400 -1.32 -23.02 17.06
N ASN A 401 -1.84 -23.71 16.06
CA ASN A 401 -2.32 -23.06 14.86
C ASN A 401 -3.53 -23.90 14.45
N PRO A 402 -4.71 -23.29 14.42
CA PRO A 402 -4.92 -21.88 14.75
C PRO A 402 -4.80 -21.69 16.25
N CYS A 403 -4.95 -20.46 16.69
CA CYS A 403 -4.90 -20.16 18.11
C CYS A 403 -5.88 -19.02 18.36
N ARG A 404 -6.24 -18.81 19.62
CA ARG A 404 -7.16 -17.76 19.94
C ARG A 404 -6.52 -16.88 20.97
N ILE A 405 -6.76 -15.58 20.84
CA ILE A 405 -6.23 -14.61 21.78
C ILE A 405 -7.40 -13.84 22.35
N GLN A 406 -7.41 -13.70 23.66
CA GLN A 406 -8.48 -12.98 24.32
C GLN A 406 -7.85 -11.78 25.00
N TYR A 407 -8.35 -10.59 24.67
CA TYR A 407 -7.83 -9.34 25.24
C TYR A 407 -9.06 -8.55 25.69
N CYS A 408 -9.19 -8.37 27.00
CA CYS A 408 -10.32 -7.69 27.58
C CYS A 408 -11.61 -8.30 27.05
N THR A 409 -12.47 -7.51 26.43
CA THR A 409 -13.73 -8.07 25.94
C THR A 409 -13.69 -8.48 24.48
N GLN A 410 -12.49 -8.57 23.93
CA GLN A 410 -12.34 -8.92 22.52
C GLN A 410 -11.76 -10.30 22.23
N GLU A 411 -12.32 -10.94 21.21
CA GLU A 411 -11.89 -12.27 20.81
C GLU A 411 -11.14 -12.19 19.48
N ILE A 412 -9.93 -12.73 19.44
CA ILE A 412 -9.13 -12.71 18.24
C ILE A 412 -8.74 -14.13 17.85
N THR A 413 -9.10 -14.55 16.65
CA THR A 413 -8.73 -15.88 16.21
C THR A 413 -7.64 -15.70 15.15
N VAL A 414 -6.55 -16.45 15.27
CA VAL A 414 -5.42 -16.36 14.34
C VAL A 414 -5.19 -17.71 13.69
N PHE A 415 -5.06 -17.70 12.37
CA PHE A 415 -4.88 -18.89 11.56
C PHE A 415 -3.86 -18.66 10.47
N ARG A 416 -2.81 -19.47 10.43
CA ARG A 416 -1.78 -19.34 9.41
C ARG A 416 -1.94 -20.46 8.41
N GLU A 417 -2.32 -20.11 7.19
CA GLU A 417 -2.51 -21.11 6.14
C GLU A 417 -2.62 -20.37 4.83
N ASP A 418 -2.12 -20.99 3.76
CA ASP A 418 -2.23 -20.37 2.45
C ASP A 418 -3.62 -20.85 1.99
N LEU A 419 -4.62 -20.36 2.71
CA LEU A 419 -5.99 -20.75 2.49
C LEU A 419 -6.63 -20.28 1.19
N VAL A 420 -6.40 -19.03 0.82
CA VAL A 420 -6.97 -18.51 -0.41
C VAL A 420 -6.67 -19.38 -1.63
N ASN A 421 -5.41 -19.80 -1.84
CA ASN A 421 -5.11 -20.65 -2.98
C ASN A 421 -5.80 -22.00 -2.88
N LYS A 422 -5.95 -22.53 -1.67
CA LYS A 422 -6.63 -23.82 -1.54
C LYS A 422 -8.10 -23.68 -1.93
N MET A 423 -8.72 -22.58 -1.51
CA MET A 423 -10.11 -22.29 -1.80
C MET A 423 -10.30 -22.11 -3.29
N CYS A 424 -9.38 -21.36 -3.90
CA CYS A 424 -9.45 -21.11 -5.35
C CYS A 424 -9.28 -22.40 -6.15
N ARG A 425 -8.29 -23.20 -5.79
CA ARG A 425 -8.09 -24.46 -6.49
C ARG A 425 -9.25 -25.44 -6.34
N ASN A 426 -10.21 -25.14 -5.47
CA ASN A 426 -11.34 -26.02 -5.22
C ASN A 426 -12.67 -25.34 -5.40
N CYS A 427 -12.67 -24.23 -6.12
CA CYS A 427 -13.89 -23.49 -6.35
C CYS A 427 -14.82 -24.20 -7.33
N VAL A 428 -16.13 -23.98 -7.16
CA VAL A 428 -17.09 -24.56 -8.08
C VAL A 428 -16.98 -23.70 -9.34
N ARG A 429 -16.71 -22.42 -9.13
CA ARG A 429 -16.53 -21.44 -10.19
C ARG A 429 -15.82 -20.21 -9.66
N PHE A 430 -15.41 -19.33 -10.56
CA PHE A 430 -14.75 -18.08 -10.15
C PHE A 430 -15.86 -17.13 -9.73
N PRO A 431 -15.69 -16.45 -8.60
CA PRO A 431 -16.71 -15.51 -8.15
C PRO A 431 -16.73 -14.36 -9.16
N SER A 432 -17.73 -13.49 -9.13
CA SER A 432 -17.74 -12.40 -10.10
C SER A 432 -16.71 -11.36 -9.74
N SER A 433 -16.08 -10.77 -10.77
CA SER A 433 -15.05 -9.78 -10.54
C SER A 433 -15.58 -8.44 -10.07
N ASN A 434 -16.89 -8.32 -9.85
CA ASN A 434 -17.42 -7.06 -9.36
C ASN A 434 -17.19 -6.91 -7.85
N LEU A 435 -16.47 -7.87 -7.27
CA LEU A 435 -16.12 -7.85 -5.85
C LEU A 435 -14.74 -8.51 -5.70
N ALA A 436 -13.87 -7.88 -4.93
CA ALA A 436 -12.52 -8.41 -4.72
C ALA A 436 -12.48 -9.78 -4.02
N ILE A 437 -11.53 -10.61 -4.41
CA ILE A 437 -11.39 -11.93 -3.83
C ILE A 437 -11.39 -12.02 -2.29
N PRO A 438 -10.75 -11.05 -1.59
CA PRO A 438 -10.78 -11.13 -0.13
C PRO A 438 -12.16 -10.93 0.46
N ASN A 439 -12.99 -10.16 -0.24
CA ASN A 439 -14.35 -9.92 0.21
C ASN A 439 -15.18 -11.16 -0.03
N HIS A 440 -14.91 -11.90 -1.10
CA HIS A 440 -15.65 -13.13 -1.35
C HIS A 440 -15.20 -14.11 -0.29
N PHE A 441 -13.89 -14.15 -0.13
CA PHE A 441 -13.22 -15.05 0.81
C PHE A 441 -13.75 -14.98 2.23
N VAL A 442 -13.82 -13.77 2.77
CA VAL A 442 -14.27 -13.58 4.13
C VAL A 442 -15.74 -13.95 4.27
N LYS A 443 -16.55 -13.65 3.25
CA LYS A 443 -17.95 -14.01 3.32
C LYS A 443 -18.04 -15.52 3.50
N THR A 444 -17.19 -16.24 2.78
CA THR A 444 -17.20 -17.68 2.89
C THR A 444 -16.86 -18.17 4.29
N ILE A 445 -15.70 -17.78 4.81
CA ILE A 445 -15.26 -18.22 6.15
C ILE A 445 -16.32 -17.96 7.21
N LEU A 446 -16.88 -16.76 7.26
CA LEU A 446 -17.88 -16.43 8.27
C LEU A 446 -19.19 -17.16 8.02
N SER A 447 -19.65 -17.21 6.78
CA SER A 447 -20.89 -17.90 6.45
C SER A 447 -20.76 -19.37 6.79
N GLN A 448 -19.56 -19.92 6.66
CA GLN A 448 -19.37 -21.33 6.96
C GLN A 448 -19.11 -21.49 8.44
N GLY A 449 -18.71 -20.41 9.10
CA GLY A 449 -18.40 -20.47 10.53
C GLY A 449 -17.33 -21.51 10.81
N HIS A 450 -16.36 -21.64 9.89
CA HIS A 450 -15.31 -22.62 10.01
C HIS A 450 -14.07 -22.16 9.22
N LEU A 451 -12.87 -22.40 9.74
CA LEU A 451 -11.65 -21.96 9.08
C LEU A 451 -11.29 -22.72 7.81
N THR A 452 -11.57 -24.02 7.81
CA THR A 452 -11.28 -24.88 6.68
C THR A 452 -12.56 -25.50 6.10
N PRO A 453 -13.39 -24.69 5.43
CA PRO A 453 -14.63 -25.20 4.82
C PRO A 453 -14.31 -25.94 3.53
N LEU A 454 -13.38 -26.87 3.61
CA LEU A 454 -12.93 -27.67 2.48
C LEU A 454 -12.88 -29.16 2.83
N PRO A 455 -12.69 -30.01 1.83
CA PRO A 455 -12.63 -31.46 2.06
C PRO A 455 -11.37 -31.83 2.84
N LEU A 456 -11.41 -32.98 3.51
CA LEU A 456 -10.27 -33.45 4.27
C LEU A 456 -9.04 -33.64 3.38
N TYR A 457 -9.20 -34.18 2.17
CA TYR A 457 -8.02 -34.36 1.34
C TYR A 457 -7.35 -33.02 0.98
N VAL A 458 -8.10 -31.92 1.10
CA VAL A 458 -7.55 -30.60 0.81
C VAL A 458 -7.03 -29.97 2.11
N CYS A 459 -7.77 -30.13 3.21
CA CYS A 459 -7.38 -29.61 4.52
C CYS A 459 -7.52 -30.71 5.58
N PRO A 460 -6.47 -31.53 5.73
CA PRO A 460 -6.49 -32.62 6.70
C PRO A 460 -6.71 -32.11 8.12
N VAL A 461 -7.64 -32.75 8.81
CA VAL A 461 -7.99 -32.36 10.17
C VAL A 461 -8.16 -33.63 11.00
N TYR A 462 -7.72 -33.57 12.26
CA TYR A 462 -7.89 -34.70 13.16
C TYR A 462 -9.41 -34.70 13.35
N TRP A 463 -10.09 -35.71 12.80
CA TRP A 463 -11.54 -35.76 12.86
C TRP A 463 -12.17 -35.27 14.16
N ALA A 464 -11.75 -35.85 15.29
CA ALA A 464 -12.32 -35.49 16.60
C ALA A 464 -12.05 -34.06 17.02
N TYR A 465 -11.12 -33.38 16.34
CA TYR A 465 -10.79 -32.01 16.71
C TYR A 465 -11.25 -30.91 15.76
N ASP A 466 -12.13 -31.24 14.84
CA ASP A 466 -12.63 -30.25 13.90
C ASP A 466 -13.27 -29.05 14.60
N TYR A 467 -13.97 -29.30 15.71
CA TYR A 467 -14.64 -28.21 16.43
C TYR A 467 -13.66 -27.09 16.79
N ALA A 468 -12.38 -27.40 16.90
CA ALA A 468 -11.40 -26.37 17.24
C ALA A 468 -11.11 -25.41 16.06
N LEU A 469 -11.57 -25.76 14.87
CA LEU A 469 -11.35 -24.90 13.70
C LEU A 469 -12.56 -24.05 13.38
N ARG A 470 -13.49 -24.00 14.32
CA ARG A 470 -14.72 -23.26 14.17
C ARG A 470 -14.52 -21.75 14.35
N VAL A 471 -15.31 -20.98 13.60
CA VAL A 471 -15.28 -19.53 13.67
C VAL A 471 -16.74 -19.14 13.95
N TYR A 472 -17.24 -19.56 15.11
CA TYR A 472 -18.60 -19.29 15.55
C TYR A 472 -18.71 -19.57 17.06
N PRO A 473 -19.18 -18.58 17.83
CA PRO A 473 -19.61 -17.25 17.38
C PRO A 473 -18.50 -16.42 16.71
N VAL A 474 -18.92 -15.52 15.83
CA VAL A 474 -18.03 -14.66 15.10
C VAL A 474 -17.16 -13.85 16.07
N PRO A 475 -15.84 -13.79 15.84
CA PRO A 475 -14.95 -13.03 16.72
C PRO A 475 -14.85 -11.55 16.34
N ASP A 476 -14.13 -10.77 17.13
CA ASP A 476 -13.96 -9.34 16.89
C ASP A 476 -12.96 -9.14 15.77
N LEU A 477 -11.94 -9.99 15.77
CA LEU A 477 -10.90 -9.92 14.77
C LEU A 477 -10.50 -11.33 14.34
N LEU A 478 -10.55 -11.58 13.03
CA LEU A 478 -10.16 -12.86 12.45
C LEU A 478 -8.89 -12.58 11.62
N VAL A 479 -7.81 -13.24 11.97
CA VAL A 479 -6.55 -13.02 11.26
C VAL A 479 -6.21 -14.28 10.46
N ILE A 480 -6.27 -14.17 9.15
CA ILE A 480 -5.91 -15.32 8.31
C ILE A 480 -4.56 -14.93 7.69
N ALA A 481 -3.47 -15.35 8.34
CA ALA A 481 -2.14 -15.03 7.84
C ALA A 481 -1.97 -15.96 6.67
N ASP A 482 -1.86 -15.38 5.48
CA ASP A 482 -1.79 -16.12 4.21
C ASP A 482 -0.64 -15.59 3.31
N LYS A 483 -0.15 -16.38 2.37
CA LYS A 483 0.91 -15.86 1.47
C LYS A 483 0.24 -14.96 0.44
N TYR A 484 -1.10 -14.97 0.43
CA TYR A 484 -1.88 -14.14 -0.48
C TYR A 484 -1.68 -12.66 -0.10
N ASP A 485 -1.89 -11.76 -1.04
CA ASP A 485 -1.74 -10.34 -0.77
C ASP A 485 -2.44 -9.92 0.51
N PRO A 486 -1.85 -8.97 1.22
CA PRO A 486 -2.49 -8.53 2.46
C PRO A 486 -3.83 -7.85 2.20
N PHE A 487 -4.66 -7.77 3.23
CA PHE A 487 -5.94 -7.13 3.07
C PHE A 487 -6.63 -6.91 4.40
N THR A 488 -7.59 -6.00 4.41
CA THR A 488 -8.39 -5.76 5.59
C THR A 488 -9.81 -5.61 5.06
N THR A 489 -10.73 -6.36 5.64
CA THR A 489 -12.12 -6.29 5.23
C THR A 489 -12.93 -6.33 6.51
N THR A 490 -14.22 -6.11 6.39
CA THR A 490 -15.10 -6.15 7.54
C THR A 490 -16.40 -6.80 7.12
N ASN A 491 -16.72 -7.93 7.73
CA ASN A 491 -17.94 -8.63 7.43
C ASN A 491 -18.66 -9.00 8.73
N THR A 492 -19.97 -8.83 8.75
CA THR A 492 -20.79 -9.13 9.92
C THR A 492 -20.16 -8.72 11.25
N GLU A 493 -19.78 -7.46 11.40
CA GLU A 493 -19.19 -6.98 12.65
C GLU A 493 -17.80 -7.54 12.93
N CYS A 494 -17.30 -8.40 12.06
CA CYS A 494 -15.99 -8.98 12.30
C CYS A 494 -14.91 -8.43 11.41
N LEU A 495 -13.85 -7.94 12.04
CA LEU A 495 -12.72 -7.44 11.28
C LEU A 495 -11.89 -8.65 10.85
N CYS A 496 -11.64 -8.77 9.56
CA CYS A 496 -10.84 -9.89 9.06
C CYS A 496 -9.65 -9.33 8.29
N ILE A 497 -8.44 -9.68 8.71
CA ILE A 497 -7.24 -9.18 8.05
C ILE A 497 -6.22 -10.26 7.72
N ASN A 498 -5.31 -9.92 6.82
CA ASN A 498 -4.20 -10.80 6.43
C ASN A 498 -2.98 -9.89 6.28
N PRO A 499 -1.97 -10.03 7.15
CA PRO A 499 -0.79 -9.17 7.03
C PRO A 499 0.05 -9.52 5.80
N GLY A 500 -0.18 -10.69 5.24
CA GLY A 500 0.58 -11.12 4.08
C GLY A 500 1.93 -11.69 4.45
N SER A 501 2.68 -12.11 3.43
CA SER A 501 4.00 -12.67 3.65
C SER A 501 5.01 -11.54 3.81
N PHE A 502 5.53 -11.38 5.02
CA PHE A 502 6.48 -10.32 5.34
C PHE A 502 7.59 -10.17 4.30
N PRO A 503 8.39 -11.22 4.04
CA PRO A 503 9.48 -11.14 3.05
C PRO A 503 9.04 -10.86 1.63
N ARG A 504 7.80 -11.22 1.31
CA ARG A 504 7.31 -11.06 -0.05
C ARG A 504 6.30 -9.94 -0.28
N SER A 505 5.94 -9.20 0.75
CA SER A 505 4.98 -8.11 0.60
C SER A 505 5.68 -6.78 0.80
N GLY A 506 6.98 -6.74 0.58
CA GLY A 506 7.71 -5.51 0.78
C GLY A 506 7.79 -5.24 2.27
N PHE A 507 7.85 -6.31 3.04
CA PHE A 507 7.93 -6.21 4.49
C PHE A 507 6.80 -5.39 5.12
N SER A 508 5.59 -5.80 4.79
CA SER A 508 4.36 -5.18 5.30
C SER A 508 3.91 -5.97 6.52
N PHE A 509 3.17 -5.31 7.40
CA PHE A 509 2.62 -5.98 8.58
C PHE A 509 1.39 -5.20 9.01
N LYS A 510 0.58 -5.76 9.92
CA LYS A 510 -0.65 -5.10 10.36
C LYS A 510 -0.68 -4.75 11.83
N VAL A 511 -1.39 -3.68 12.14
CA VAL A 511 -1.49 -3.25 13.52
C VAL A 511 -2.96 -3.11 13.86
N PHE A 512 -3.32 -3.57 15.06
CA PHE A 512 -4.69 -3.52 15.56
C PHE A 512 -4.75 -2.83 16.92
N TYR A 513 -5.49 -1.75 16.97
CA TYR A 513 -5.68 -1.02 18.22
C TYR A 513 -7.00 -1.53 18.77
N PRO A 514 -6.97 -2.33 19.84
CA PRO A 514 -8.27 -2.81 20.36
C PRO A 514 -9.21 -1.74 20.92
N SER A 515 -8.67 -0.73 21.57
CA SER A 515 -9.50 0.30 22.18
C SER A 515 -10.66 0.75 21.28
N ASN A 516 -10.37 1.09 20.03
CA ASN A 516 -11.43 1.51 19.12
C ASN A 516 -11.51 0.64 17.86
N LYS A 517 -11.12 -0.64 17.97
CA LYS A 517 -11.11 -1.58 16.86
C LYS A 517 -10.68 -0.96 15.54
N THR A 518 -9.48 -0.40 15.54
CA THR A 518 -8.94 0.22 14.35
C THR A 518 -7.74 -0.61 13.86
N VAL A 519 -7.62 -0.76 12.54
CA VAL A 519 -6.52 -1.53 11.94
C VAL A 519 -5.64 -0.60 11.12
N GLU A 520 -4.33 -0.71 11.30
CA GLU A 520 -3.39 0.11 10.54
C GLU A 520 -2.36 -0.73 9.80
N ASP A 521 -1.58 -0.12 8.91
CA ASP A 521 -0.58 -0.83 8.11
C ASP A 521 0.79 -0.20 8.14
N SER A 522 1.80 -1.01 7.90
CA SER A 522 3.18 -0.53 7.79
C SER A 522 3.85 -1.31 6.69
N LYS A 523 4.87 -0.71 6.10
CA LYS A 523 5.62 -1.37 5.03
C LYS A 523 7.06 -0.86 5.13
N LEU A 524 8.02 -1.77 5.24
CA LEU A 524 9.42 -1.38 5.38
C LEU A 524 10.30 -1.65 4.16
N GLN A 525 9.69 -2.01 3.04
CA GLN A 525 10.45 -2.32 1.83
C GLN A 525 11.57 -1.34 1.50
N GLY A 526 11.27 -0.05 1.59
CA GLY A 526 12.21 1.01 1.25
C GLY A 526 13.43 1.20 2.10
N PHE A 527 13.45 0.64 3.30
CA PHE A 527 14.61 0.77 4.17
C PHE A 527 15.75 -0.18 3.73
N SER B 9 12.74 -55.88 12.49
CA SER B 9 13.60 -54.94 11.71
C SER B 9 12.79 -53.79 11.12
N TYR B 10 13.48 -52.71 10.76
CA TYR B 10 12.83 -51.56 10.14
C TYR B 10 13.75 -50.90 9.13
N VAL B 11 13.30 -50.90 7.88
CA VAL B 11 14.08 -50.35 6.78
C VAL B 11 13.62 -48.98 6.29
N LEU B 12 14.58 -48.14 5.93
CA LEU B 12 14.29 -46.82 5.39
C LEU B 12 14.60 -46.92 3.91
N PRO B 13 13.63 -46.65 3.05
CA PRO B 13 13.90 -46.74 1.61
C PRO B 13 14.95 -45.73 1.16
N GLU B 14 15.93 -46.24 0.43
CA GLU B 14 17.03 -45.47 -0.14
C GLU B 14 17.59 -44.28 0.63
N VAL B 15 18.36 -44.54 1.68
CA VAL B 15 18.96 -43.43 2.42
C VAL B 15 20.22 -43.12 1.63
N ILE B 16 20.57 -41.84 1.50
CA ILE B 16 21.76 -41.45 0.74
C ILE B 16 22.93 -41.09 1.65
N CYS B 17 24.11 -41.56 1.28
CA CYS B 17 25.32 -41.28 2.04
C CYS B 17 25.81 -39.93 1.56
N ARG B 18 25.82 -38.95 2.46
CA ARG B 18 26.24 -37.60 2.10
C ARG B 18 27.72 -37.51 1.72
N SER B 19 28.49 -38.52 2.10
CA SER B 19 29.92 -38.54 1.79
C SER B 19 30.28 -39.09 0.41
N CYS B 20 29.55 -40.09 -0.08
CA CYS B 20 29.86 -40.70 -1.38
C CYS B 20 28.69 -40.82 -2.34
N ASN B 21 27.48 -40.54 -1.86
CA ASN B 21 26.26 -40.60 -2.66
C ASN B 21 25.71 -42.00 -2.87
N PHE B 22 26.27 -42.99 -2.18
CA PHE B 22 25.79 -44.36 -2.32
C PHE B 22 24.39 -44.49 -1.75
N CYS B 23 23.46 -44.94 -2.60
CA CYS B 23 22.08 -45.09 -2.20
C CYS B 23 21.73 -46.54 -1.96
N ARG B 24 21.01 -46.79 -0.86
CA ARG B 24 20.59 -48.13 -0.49
C ARG B 24 19.58 -48.04 0.63
N ASP B 25 18.71 -49.05 0.73
CA ASP B 25 17.73 -49.05 1.81
C ASP B 25 18.53 -49.37 3.08
N LEU B 26 18.07 -48.84 4.21
CA LEU B 26 18.80 -49.06 5.45
C LEU B 26 17.93 -49.72 6.50
N ASP B 27 18.35 -50.89 6.98
CA ASP B 27 17.59 -51.57 8.02
C ASP B 27 18.18 -51.08 9.35
N LEU B 28 17.38 -50.32 10.10
CA LEU B 28 17.81 -49.74 11.37
C LEU B 28 18.06 -50.76 12.48
N CYS B 29 17.34 -51.87 12.45
CA CYS B 29 17.50 -52.91 13.46
C CYS B 29 18.70 -53.84 13.17
N LYS B 30 18.96 -54.07 11.88
CA LYS B 30 20.03 -54.95 11.45
C LYS B 30 21.35 -54.31 11.01
N ASP B 31 21.37 -53.00 10.77
CA ASP B 31 22.61 -52.39 10.31
C ASP B 31 23.36 -51.47 11.27
N SER B 32 23.14 -51.65 12.57
CA SER B 32 23.84 -50.84 13.58
C SER B 32 25.24 -51.41 13.78
N SER B 33 26.07 -50.67 14.53
CA SER B 33 27.42 -51.10 14.82
C SER B 33 27.52 -51.55 16.27
N PRO B 42 26.44 -46.65 19.18
CA PRO B 42 25.22 -46.90 18.39
C PRO B 42 25.17 -46.06 17.12
N GLN B 43 25.63 -46.63 16.01
CA GLN B 43 25.65 -45.92 14.74
C GLN B 43 25.29 -46.76 13.51
N TRP B 44 25.17 -46.06 12.38
CA TRP B 44 24.87 -46.67 11.09
C TRP B 44 25.93 -46.19 10.12
N LEU B 45 26.64 -47.14 9.51
CA LEU B 45 27.69 -46.80 8.56
C LEU B 45 27.19 -47.02 7.15
N CYS B 46 27.80 -46.31 6.22
CA CYS B 46 27.47 -46.44 4.82
C CYS B 46 28.05 -47.78 4.42
N SER B 47 27.45 -48.45 3.44
CA SER B 47 27.97 -49.74 3.01
C SER B 47 29.18 -49.56 2.11
N ASN B 48 29.04 -48.70 1.09
CA ASN B 48 30.12 -48.42 0.14
C ASN B 48 31.35 -47.88 0.85
N CYS B 49 31.24 -46.67 1.37
CA CYS B 49 32.34 -46.06 2.11
C CYS B 49 31.91 -46.39 3.54
N GLN B 50 32.75 -46.16 4.53
CA GLN B 50 32.30 -46.50 5.87
C GLN B 50 31.97 -45.27 6.75
N ALA B 51 31.56 -44.19 6.09
CA ALA B 51 31.20 -42.95 6.78
C ALA B 51 29.93 -43.20 7.60
N PRO B 52 29.86 -42.65 8.80
CA PRO B 52 28.66 -42.86 9.61
C PRO B 52 27.49 -42.02 9.12
N TYR B 53 26.31 -42.61 9.05
CA TYR B 53 25.12 -41.88 8.63
C TYR B 53 24.79 -40.87 9.73
N ASP B 54 24.38 -39.68 9.33
CA ASP B 54 24.02 -38.61 10.25
C ASP B 54 22.75 -38.95 11.03
N SER B 55 22.92 -39.32 12.30
CA SER B 55 21.77 -39.67 13.14
C SER B 55 20.65 -38.64 13.01
N SER B 56 21.05 -37.36 13.02
CA SER B 56 20.14 -36.24 12.88
C SER B 56 19.21 -36.47 11.67
N ALA B 57 19.80 -36.82 10.53
CA ALA B 57 19.02 -37.07 9.32
C ALA B 57 18.06 -38.24 9.51
N ILE B 58 18.55 -39.35 10.06
CA ILE B 58 17.73 -40.52 10.30
C ILE B 58 16.52 -40.15 11.15
N GLU B 59 16.79 -39.44 12.25
CA GLU B 59 15.73 -39.01 13.15
C GLU B 59 14.63 -38.31 12.37
N MET B 60 15.00 -37.26 11.65
CA MET B 60 14.03 -36.50 10.86
C MET B 60 13.27 -37.34 9.85
N THR B 61 13.95 -38.29 9.21
CA THR B 61 13.26 -39.14 8.24
C THR B 61 12.23 -40.00 8.95
N LEU B 62 12.55 -40.46 10.15
CA LEU B 62 11.63 -41.27 10.92
C LEU B 62 10.43 -40.43 11.27
N VAL B 63 10.67 -39.18 11.65
CA VAL B 63 9.60 -38.25 11.99
C VAL B 63 8.67 -38.09 10.80
N GLU B 64 9.26 -37.85 9.62
CA GLU B 64 8.45 -37.70 8.42
C GLU B 64 7.65 -38.95 8.14
N VAL B 65 8.22 -40.11 8.47
CA VAL B 65 7.53 -41.37 8.26
C VAL B 65 6.29 -41.38 9.15
N LEU B 66 6.42 -40.83 10.36
CA LEU B 66 5.27 -40.76 11.26
C LEU B 66 4.23 -39.81 10.67
N GLN B 67 4.71 -38.71 10.10
CA GLN B 67 3.81 -37.74 9.51
C GLN B 67 3.06 -38.39 8.36
N LYS B 68 3.81 -38.89 7.39
CA LYS B 68 3.20 -39.53 6.24
C LYS B 68 2.15 -40.57 6.64
N LYS B 69 2.44 -41.34 7.70
CA LYS B 69 1.51 -42.35 8.15
C LYS B 69 0.34 -41.75 8.91
N LEU B 70 0.59 -40.65 9.61
CA LEU B 70 -0.46 -39.96 10.36
C LEU B 70 -1.41 -39.35 9.32
N MET B 71 -0.85 -38.97 8.18
CA MET B 71 -1.62 -38.37 7.10
C MET B 71 -2.46 -39.47 6.44
N ALA B 72 -1.82 -40.60 6.16
CA ALA B 72 -2.50 -41.73 5.56
C ALA B 72 -3.73 -42.12 6.40
N PHE B 73 -3.56 -42.10 7.71
CA PHE B 73 -4.63 -42.45 8.64
C PHE B 73 -5.79 -41.50 8.57
N THR B 74 -5.49 -40.20 8.54
CA THR B 74 -6.48 -39.14 8.52
C THR B 74 -7.30 -39.10 7.24
N LEU B 75 -6.69 -39.50 6.13
CA LEU B 75 -7.37 -39.49 4.84
C LEU B 75 -7.80 -40.87 4.33
N GLN B 76 -7.60 -41.89 5.16
CA GLN B 76 -7.94 -43.27 4.81
C GLN B 76 -9.37 -43.51 4.35
N ASP B 77 -9.54 -44.49 3.47
CA ASP B 77 -10.86 -44.86 2.97
C ASP B 77 -11.57 -45.59 4.09
N LEU B 78 -12.89 -45.66 4.00
CA LEU B 78 -13.68 -46.36 5.00
C LEU B 78 -14.51 -47.40 4.26
N VAL B 79 -14.53 -48.62 4.79
CA VAL B 79 -15.25 -49.73 4.15
C VAL B 79 -16.43 -50.22 4.97
N CYS B 80 -17.46 -50.71 4.29
CA CYS B 80 -18.64 -51.24 4.96
C CYS B 80 -18.30 -52.67 5.36
N LEU B 81 -18.73 -53.09 6.56
CA LEU B 81 -18.44 -54.44 7.01
C LEU B 81 -19.32 -55.48 6.34
N LYS B 82 -20.55 -55.11 5.98
CA LYS B 82 -21.46 -56.02 5.29
C LYS B 82 -20.98 -56.20 3.86
N CYS B 83 -21.16 -55.18 3.02
CA CYS B 83 -20.67 -55.25 1.65
C CYS B 83 -19.26 -54.65 1.70
N ARG B 84 -18.38 -55.02 0.78
CA ARG B 84 -17.04 -54.46 0.82
C ARG B 84 -16.97 -53.12 0.09
N GLY B 85 -18.05 -52.34 0.20
CA GLY B 85 -18.11 -51.04 -0.47
C GLY B 85 -17.46 -49.87 0.25
N VAL B 86 -16.57 -49.18 -0.46
CA VAL B 86 -15.86 -48.02 0.08
C VAL B 86 -16.83 -46.84 0.23
N LYS B 87 -16.78 -46.17 1.37
CA LYS B 87 -17.66 -45.03 1.62
C LYS B 87 -17.37 -43.94 0.58
N GLU B 88 -18.42 -43.40 -0.03
CA GLU B 88 -18.29 -42.39 -1.07
C GLU B 88 -18.89 -41.05 -0.69
N THR B 89 -19.43 -40.96 0.52
CA THR B 89 -20.01 -39.71 0.99
C THR B 89 -19.38 -39.37 2.34
N SER B 90 -19.74 -38.24 2.91
CA SER B 90 -19.12 -37.81 4.17
C SER B 90 -19.92 -37.99 5.46
N MET B 91 -21.22 -37.72 5.40
CA MET B 91 -22.07 -37.78 6.57
C MET B 91 -22.67 -39.12 7.02
N PRO B 92 -23.07 -40.00 6.08
CA PRO B 92 -23.63 -41.25 6.58
C PRO B 92 -22.82 -41.97 7.65
N VAL B 93 -23.50 -42.35 8.72
CA VAL B 93 -22.89 -43.06 9.84
C VAL B 93 -23.00 -44.57 9.56
N TYR B 94 -23.95 -44.95 8.72
CA TYR B 94 -24.16 -46.34 8.33
C TYR B 94 -24.17 -46.47 6.80
N CYS B 95 -24.15 -47.69 6.29
CA CYS B 95 -24.13 -47.89 4.84
C CYS B 95 -25.52 -48.03 4.24
N SER B 96 -25.56 -48.27 2.93
CA SER B 96 -26.81 -48.47 2.22
C SER B 96 -27.44 -49.70 2.86
N CYS B 97 -26.58 -50.60 3.34
CA CYS B 97 -27.06 -51.79 4.03
C CYS B 97 -27.55 -51.19 5.33
N ALA B 98 -26.93 -51.64 6.41
CA ALA B 98 -27.19 -51.17 7.75
C ALA B 98 -25.83 -51.48 8.34
N GLY B 99 -24.93 -51.88 7.43
CA GLY B 99 -23.57 -52.23 7.81
C GLY B 99 -22.79 -51.07 8.38
N ASP B 100 -21.75 -51.38 9.15
CA ASP B 100 -20.92 -50.35 9.76
C ASP B 100 -19.66 -50.16 8.93
N PHE B 101 -19.14 -48.93 8.94
CA PHE B 101 -17.93 -48.60 8.21
C PHE B 101 -16.77 -48.89 9.15
N ALA B 102 -15.69 -49.39 8.58
CA ALA B 102 -14.50 -49.71 9.37
C ALA B 102 -13.25 -49.10 8.77
N LEU B 103 -12.28 -48.86 9.64
CA LEU B 103 -11.00 -48.27 9.25
C LEU B 103 -10.31 -49.20 8.27
N THR B 104 -9.62 -48.63 7.28
CA THR B 104 -8.87 -49.43 6.32
C THR B 104 -7.42 -49.36 6.76
N ILE B 105 -7.14 -48.42 7.66
CA ILE B 105 -5.81 -48.26 8.23
C ILE B 105 -6.12 -48.22 9.73
N HIS B 106 -5.67 -49.26 10.43
CA HIS B 106 -5.95 -49.44 11.85
C HIS B 106 -5.10 -48.68 12.86
N THR B 107 -5.75 -48.31 13.97
CA THR B 107 -5.12 -47.60 15.06
C THR B 107 -4.05 -48.47 15.71
N GLN B 108 -4.40 -49.73 15.96
CA GLN B 108 -3.50 -50.70 16.59
C GLN B 108 -2.20 -50.82 15.82
N VAL B 109 -2.30 -50.95 14.51
CA VAL B 109 -1.12 -51.07 13.68
C VAL B 109 -0.24 -49.81 13.76
N PHE B 110 -0.88 -48.66 14.02
CA PHE B 110 -0.13 -47.41 14.12
C PHE B 110 0.63 -47.39 15.43
N MET B 111 -0.05 -47.77 16.52
CA MET B 111 0.58 -47.82 17.83
C MET B 111 1.84 -48.69 17.80
N GLU B 112 1.75 -49.83 17.13
CA GLU B 112 2.88 -50.73 17.04
C GLU B 112 4.03 -49.98 16.38
N GLN B 113 3.71 -49.26 15.32
CA GLN B 113 4.71 -48.46 14.61
C GLN B 113 5.40 -47.54 15.62
N ILE B 114 4.60 -46.91 16.47
CA ILE B 114 5.12 -46.01 17.48
C ILE B 114 5.99 -46.73 18.50
N GLY B 115 5.66 -47.99 18.77
CA GLY B 115 6.44 -48.74 19.74
C GLY B 115 7.84 -48.99 19.19
N ILE B 116 7.90 -49.36 17.93
CA ILE B 116 9.16 -49.62 17.25
C ILE B 116 9.97 -48.32 17.24
N PHE B 117 9.35 -47.26 16.72
CA PHE B 117 10.00 -45.95 16.65
C PHE B 117 10.41 -45.46 18.04
N ARG B 118 9.57 -45.69 19.03
CA ARG B 118 9.89 -45.26 20.38
C ARG B 118 11.13 -46.01 20.89
N ASN B 119 11.29 -47.25 20.45
CA ASN B 119 12.42 -48.06 20.89
C ASN B 119 13.69 -47.50 20.27
N ILE B 120 13.70 -47.40 18.95
CA ILE B 120 14.85 -46.89 18.23
C ILE B 120 15.33 -45.56 18.82
N ALA B 121 14.38 -44.71 19.20
CA ALA B 121 14.72 -43.41 19.78
C ALA B 121 15.38 -43.59 21.14
N GLN B 122 14.76 -44.40 21.98
CA GLN B 122 15.29 -44.66 23.30
C GLN B 122 16.72 -45.21 23.23
N HIS B 123 16.99 -46.04 22.24
CA HIS B 123 18.31 -46.65 22.07
C HIS B 123 19.34 -45.79 21.33
N TYR B 124 18.89 -44.83 20.53
CA TYR B 124 19.86 -44.01 19.80
C TYR B 124 19.95 -42.55 20.17
N GLY B 125 19.38 -42.18 21.31
CA GLY B 125 19.44 -40.78 21.72
C GLY B 125 18.85 -39.82 20.70
N MET B 126 17.58 -40.04 20.37
CA MET B 126 16.85 -39.19 19.42
C MET B 126 15.77 -38.50 20.24
N SER B 127 16.16 -37.48 20.98
CA SER B 127 15.23 -36.76 21.83
C SER B 127 14.08 -36.14 21.05
N TYR B 128 14.36 -35.61 19.86
CA TYR B 128 13.30 -35.00 19.08
C TYR B 128 12.22 -36.01 18.73
N LEU B 129 12.62 -37.16 18.19
CA LEU B 129 11.66 -38.19 17.82
C LEU B 129 10.89 -38.67 19.05
N LEU B 130 11.54 -38.70 20.21
CA LEU B 130 10.87 -39.11 21.44
C LEU B 130 9.76 -38.12 21.76
N GLU B 131 10.07 -36.84 21.61
CA GLU B 131 9.12 -35.75 21.87
C GLU B 131 7.88 -35.88 21.00
N THR B 132 8.09 -36.01 19.69
CA THR B 132 6.97 -36.12 18.77
C THR B 132 6.14 -37.36 19.12
N LEU B 133 6.82 -38.47 19.38
CA LEU B 133 6.14 -39.72 19.73
C LEU B 133 5.31 -39.51 20.97
N GLU B 134 5.94 -38.97 21.99
CA GLU B 134 5.28 -38.72 23.25
C GLU B 134 4.00 -37.89 23.05
N TRP B 135 4.10 -36.81 22.29
CA TRP B 135 2.94 -35.96 22.02
C TRP B 135 1.86 -36.81 21.35
N LEU B 136 2.29 -37.55 20.34
CA LEU B 136 1.42 -38.43 19.57
C LEU B 136 0.70 -39.44 20.47
N LEU B 137 1.28 -39.71 21.63
CA LEU B 137 0.72 -40.66 22.59
C LEU B 137 -0.16 -39.96 23.62
N GLN B 138 0.29 -38.80 24.04
CA GLN B 138 -0.41 -37.99 25.03
C GLN B 138 -1.79 -37.62 24.51
N LYS B 139 -1.91 -37.42 23.20
CA LYS B 139 -3.18 -37.04 22.61
C LYS B 139 -4.06 -38.23 22.24
N ASN B 140 -3.79 -39.37 22.86
CA ASN B 140 -4.57 -40.58 22.63
C ASN B 140 -4.64 -41.48 23.86
N PRO B 141 -5.30 -40.99 24.93
CA PRO B 141 -5.42 -41.79 26.16
C PRO B 141 -6.08 -43.13 25.91
N HIS C 84 30.54 17.15 -9.45
CA HIS C 84 30.26 16.50 -10.77
C HIS C 84 29.41 15.24 -10.70
N VAL C 85 29.37 14.60 -9.54
CA VAL C 85 28.59 13.38 -9.36
C VAL C 85 27.17 13.62 -8.85
N PHE C 86 27.01 14.66 -8.03
CA PHE C 86 25.73 14.97 -7.40
C PHE C 86 25.52 16.49 -7.31
N ASN C 87 24.75 17.05 -8.23
CA ASN C 87 24.50 18.49 -8.22
C ASN C 87 23.02 18.84 -8.09
N ILE C 88 22.74 19.92 -7.39
CA ILE C 88 21.37 20.39 -7.21
C ILE C 88 21.26 21.68 -8.01
N ILE C 89 20.37 21.69 -8.99
CA ILE C 89 20.17 22.82 -9.88
C ILE C 89 18.86 23.56 -9.60
N GLY C 90 18.98 24.84 -9.24
CA GLY C 90 17.79 25.64 -8.97
C GLY C 90 17.12 26.10 -10.25
N ALA C 91 15.83 26.38 -10.17
CA ALA C 91 15.08 26.82 -11.35
C ALA C 91 15.70 28.02 -12.04
N PHE C 92 16.20 28.97 -11.25
CA PHE C 92 16.77 30.17 -11.83
C PHE C 92 18.19 30.02 -12.31
N ASP C 93 18.70 28.79 -12.30
CA ASP C 93 20.06 28.53 -12.79
C ASP C 93 20.00 27.58 -13.97
N ILE C 94 18.78 27.27 -14.43
CA ILE C 94 18.60 26.38 -15.56
C ILE C 94 19.06 27.11 -16.81
N PRO C 95 20.01 26.51 -17.56
CA PRO C 95 20.52 27.13 -18.78
C PRO C 95 19.41 27.41 -19.76
N ARG C 96 19.27 28.66 -20.19
CA ARG C 96 18.20 28.98 -21.12
C ARG C 96 18.63 28.78 -22.56
N PHE C 97 17.80 28.07 -23.31
CA PHE C 97 18.07 27.81 -24.71
C PHE C 97 16.90 28.29 -25.52
N VAL C 98 17.18 28.84 -26.70
CA VAL C 98 16.13 29.33 -27.57
C VAL C 98 16.13 28.53 -28.86
N TYR C 99 14.96 28.06 -29.27
CA TYR C 99 14.87 27.30 -30.50
C TYR C 99 14.94 28.25 -31.68
N ASN C 100 15.64 27.82 -32.72
CA ASN C 100 15.79 28.62 -33.92
C ASN C 100 15.12 27.81 -35.03
N SER C 101 13.95 28.28 -35.47
CA SER C 101 13.22 27.58 -36.52
C SER C 101 14.02 27.50 -37.82
N GLU C 102 14.93 28.45 -38.02
CA GLU C 102 15.77 28.49 -39.22
C GLU C 102 16.87 27.42 -39.18
N ARG C 103 17.84 27.58 -38.30
CA ARG C 103 18.93 26.62 -38.18
C ARG C 103 18.42 25.30 -37.58
N LYS C 104 17.18 25.35 -37.10
CA LYS C 104 16.52 24.20 -36.46
C LYS C 104 17.33 23.62 -35.32
N LYS C 105 17.71 24.48 -34.37
CA LYS C 105 18.50 24.04 -33.22
C LYS C 105 18.26 24.92 -32.00
N PHE C 106 18.67 24.43 -30.83
CA PHE C 106 18.51 25.19 -29.60
C PHE C 106 19.83 25.91 -29.35
N LEU C 107 19.75 27.23 -29.18
CA LEU C 107 20.93 28.04 -28.97
C LEU C 107 20.97 28.68 -27.60
N PRO C 108 22.18 28.84 -27.02
CA PRO C 108 22.31 29.47 -25.70
C PRO C 108 21.75 30.88 -25.77
N LEU C 109 21.12 31.34 -24.69
CA LEU C 109 20.52 32.67 -24.67
C LEU C 109 21.41 33.77 -25.23
N LEU C 110 22.61 33.91 -24.66
CA LEU C 110 23.55 34.96 -25.10
C LEU C 110 24.01 34.80 -26.53
N MET C 111 23.76 33.64 -27.13
CA MET C 111 24.12 33.39 -28.52
C MET C 111 22.99 33.82 -29.44
N THR C 112 21.98 34.47 -28.86
CA THR C 112 20.84 34.91 -29.65
C THR C 112 20.52 36.36 -29.39
N ASN C 113 19.51 36.86 -30.12
CA ASN C 113 19.07 38.24 -29.96
C ASN C 113 17.81 38.24 -29.14
N HIS C 114 17.62 37.17 -28.36
CA HIS C 114 16.45 37.03 -27.50
C HIS C 114 16.71 37.74 -26.18
N PRO C 115 15.80 38.64 -25.77
CA PRO C 115 15.94 39.38 -24.52
C PRO C 115 16.06 38.45 -23.32
N ALA C 116 16.86 38.84 -22.34
CA ALA C 116 17.05 38.02 -21.14
C ALA C 116 15.80 38.12 -20.26
N PRO C 117 15.58 37.12 -19.41
CA PRO C 117 14.41 37.10 -18.52
C PRO C 117 14.52 37.97 -17.26
N ASN C 118 13.38 38.50 -16.85
CA ASN C 118 13.25 39.32 -15.65
C ASN C 118 11.93 38.91 -15.03
N LEU C 119 11.77 39.12 -13.72
CA LEU C 119 10.49 38.75 -13.08
C LEU C 119 9.33 39.54 -13.65
N PHE C 120 9.53 40.83 -13.88
CA PHE C 120 8.49 41.66 -14.43
C PHE C 120 8.76 41.73 -15.93
N GLY C 121 8.04 40.93 -16.70
CA GLY C 121 8.26 40.91 -18.11
C GLY C 121 7.47 41.94 -18.90
N THR C 122 7.55 41.81 -20.22
CA THR C 122 6.87 42.69 -21.16
C THR C 122 5.66 41.96 -21.74
N PRO C 123 4.74 42.69 -22.39
CA PRO C 123 3.57 42.05 -22.97
C PRO C 123 3.99 41.01 -23.98
N ARG C 124 5.13 41.26 -24.63
CA ARG C 124 5.67 40.34 -25.63
C ARG C 124 6.06 39.04 -24.96
N ASP C 125 6.73 39.14 -23.80
CA ASP C 125 7.14 37.97 -23.04
C ASP C 125 5.94 37.08 -22.75
N LYS C 126 4.84 37.70 -22.32
CA LYS C 126 3.63 36.96 -22.00
C LYS C 126 3.13 36.16 -23.18
N ALA C 127 3.35 36.67 -24.39
CA ALA C 127 2.93 35.99 -25.60
C ALA C 127 3.90 34.86 -25.96
N GLU C 128 5.20 35.13 -25.85
CA GLU C 128 6.24 34.14 -26.16
C GLU C 128 6.12 32.88 -25.32
N MET C 129 5.60 33.05 -24.12
CA MET C 129 5.41 31.96 -23.17
C MET C 129 4.72 30.80 -23.85
N PHE C 130 3.54 31.08 -24.41
CA PHE C 130 2.78 30.06 -25.10
C PHE C 130 3.31 29.74 -26.51
N ARG C 131 3.99 30.70 -27.13
CA ARG C 131 4.56 30.47 -28.43
C ARG C 131 5.66 29.42 -28.29
N GLU C 132 6.48 29.55 -27.26
CA GLU C 132 7.54 28.58 -27.05
C GLU C 132 6.98 27.22 -26.70
N ARG C 133 5.93 27.21 -25.89
CA ARG C 133 5.27 25.97 -25.49
C ARG C 133 4.78 25.27 -26.76
N TYR C 134 4.26 26.06 -27.70
CA TYR C 134 3.81 25.52 -28.98
C TYR C 134 5.00 25.10 -29.84
N THR C 135 6.00 25.97 -29.91
CA THR C 135 7.19 25.70 -30.72
C THR C 135 7.98 24.46 -30.31
N ILE C 136 8.16 24.22 -29.00
CA ILE C 136 8.89 23.02 -28.58
C ILE C 136 8.11 21.79 -29.01
N LEU C 137 6.78 21.86 -28.95
CA LEU C 137 5.98 20.71 -29.34
C LEU C 137 5.95 20.53 -30.86
N HIS C 138 5.87 21.63 -31.58
CA HIS C 138 5.84 21.59 -33.03
C HIS C 138 7.11 20.95 -33.58
N GLN C 139 8.26 21.51 -33.21
CA GLN C 139 9.52 20.97 -33.65
C GLN C 139 9.60 19.47 -33.36
N ARG C 140 9.20 19.08 -32.16
CA ARG C 140 9.23 17.68 -31.72
C ARG C 140 8.28 16.81 -32.54
N THR C 141 7.11 17.37 -32.83
CA THR C 141 6.07 16.67 -33.57
C THR C 141 6.37 16.53 -35.06
N HIS C 142 7.02 17.54 -35.62
CA HIS C 142 7.37 17.55 -37.03
C HIS C 142 8.35 16.43 -37.37
N ARG C 143 8.99 15.86 -36.36
CA ARG C 143 9.96 14.79 -36.57
C ARG C 143 9.38 13.39 -36.40
N HIS C 144 8.21 13.28 -35.79
CA HIS C 144 7.59 11.97 -35.59
C HIS C 144 6.95 11.56 -36.93
N GLU C 145 6.60 12.59 -37.71
CA GLU C 145 6.00 12.52 -39.05
C GLU C 145 4.48 12.49 -39.15
N PHE C 163 1.56 11.69 -41.21
CA PHE C 163 0.50 12.68 -41.16
C PHE C 163 0.98 14.06 -41.61
N GLN C 164 0.07 14.84 -42.18
CA GLN C 164 0.40 16.19 -42.65
C GLN C 164 -0.38 17.22 -41.83
N LEU C 165 0.28 17.92 -40.93
CA LEU C 165 -0.40 18.93 -40.12
C LEU C 165 -0.72 20.18 -40.94
N LYS C 166 -1.78 20.87 -40.54
CA LYS C 166 -2.16 22.11 -41.21
C LYS C 166 -2.21 23.19 -40.14
N THR C 167 -1.81 24.41 -40.48
CA THR C 167 -1.83 25.49 -39.51
C THR C 167 -3.26 26.03 -39.50
N ILE C 168 -3.58 26.83 -38.50
CA ILE C 168 -4.92 27.38 -38.39
C ILE C 168 -5.26 28.46 -39.42
N GLU C 169 -4.27 29.27 -39.79
CA GLU C 169 -4.50 30.32 -40.78
C GLU C 169 -4.93 29.65 -42.08
N THR C 170 -4.36 28.47 -42.35
CA THR C 170 -4.70 27.71 -43.54
C THR C 170 -6.18 27.41 -43.58
N LEU C 171 -6.75 27.04 -42.45
CA LEU C 171 -8.18 26.72 -42.37
C LEU C 171 -9.03 27.97 -42.44
N LEU C 172 -8.78 28.93 -41.55
CA LEU C 172 -9.53 30.17 -41.52
C LEU C 172 -9.58 30.82 -42.91
N GLY C 173 -8.57 30.55 -43.72
CA GLY C 173 -8.52 31.10 -45.05
C GLY C 173 -9.50 30.45 -46.00
N SER C 174 -9.25 29.18 -46.32
CA SER C 174 -10.07 28.39 -47.24
C SER C 174 -11.52 28.83 -47.42
N THR C 175 -11.98 28.74 -48.67
CA THR C 175 -13.34 29.13 -49.03
C THR C 175 -14.20 27.88 -49.19
N THR C 176 -13.60 26.71 -49.01
CA THR C 176 -14.35 25.46 -49.15
C THR C 176 -14.22 24.60 -47.89
N LYS C 177 -15.02 23.54 -47.83
CA LYS C 177 -14.99 22.62 -46.71
C LYS C 177 -13.75 21.77 -46.82
N ILE C 178 -12.94 21.76 -45.76
CA ILE C 178 -11.72 20.97 -45.72
C ILE C 178 -12.04 19.67 -45.01
N GLY C 179 -12.44 18.67 -45.78
CA GLY C 179 -12.83 17.38 -45.26
C GLY C 179 -11.98 16.73 -44.18
N ASP C 180 -10.66 16.70 -44.38
CA ASP C 180 -9.78 16.08 -43.42
C ASP C 180 -8.66 17.03 -43.05
N ALA C 181 -8.39 17.16 -41.76
CA ALA C 181 -7.33 18.05 -41.32
C ALA C 181 -6.92 17.78 -39.88
N ILE C 182 -5.61 17.73 -39.66
CA ILE C 182 -5.05 17.51 -38.33
C ILE C 182 -4.25 18.76 -38.01
N VAL C 183 -4.58 19.40 -36.90
CA VAL C 183 -3.92 20.62 -36.48
C VAL C 183 -3.32 20.49 -35.08
N LEU C 184 -2.13 21.07 -34.89
CA LEU C 184 -1.48 21.08 -33.58
C LEU C 184 -1.87 22.42 -32.98
N GLY C 185 -2.54 22.40 -31.83
CA GLY C 185 -2.94 23.67 -31.25
C GLY C 185 -3.20 23.60 -29.76
N MET C 186 -3.41 24.77 -29.18
CA MET C 186 -3.68 24.89 -27.77
C MET C 186 -5.16 25.10 -27.57
N ILE C 187 -5.76 24.30 -26.69
CA ILE C 187 -7.18 24.43 -26.37
C ILE C 187 -7.36 25.56 -25.38
N THR C 188 -8.29 26.46 -25.67
CA THR C 188 -8.59 27.58 -24.79
C THR C 188 -10.09 27.68 -24.68
N GLN C 189 -10.58 28.07 -23.52
CA GLN C 189 -12.02 28.21 -23.33
C GLN C 189 -12.24 29.70 -23.18
N LEU C 190 -12.55 30.37 -24.29
CA LEU C 190 -12.75 31.81 -24.25
C LEU C 190 -14.07 32.17 -23.57
N LYS C 191 -15.08 31.34 -23.77
CA LYS C 191 -16.38 31.54 -23.14
C LYS C 191 -16.73 30.18 -22.53
N GLU C 192 -17.58 30.16 -21.50
CA GLU C 192 -17.93 28.89 -20.87
C GLU C 192 -18.56 27.89 -21.84
N GLY C 193 -17.96 26.71 -21.95
CA GLY C 193 -18.47 25.70 -22.85
C GLY C 193 -18.04 25.93 -24.29
N LYS C 194 -17.53 27.12 -24.57
CA LYS C 194 -17.05 27.46 -25.91
C LYS C 194 -15.53 27.30 -25.98
N PHE C 195 -15.09 26.29 -26.70
CA PHE C 195 -13.67 26.02 -26.86
C PHE C 195 -13.14 26.47 -28.21
N PHE C 196 -11.85 26.83 -28.21
CA PHE C 196 -11.16 27.28 -29.42
C PHE C 196 -9.80 26.61 -29.50
N LEU C 197 -9.21 26.61 -30.70
CA LEU C 197 -7.89 26.01 -30.88
C LEU C 197 -6.99 27.15 -31.34
N GLU C 198 -5.84 27.31 -30.70
CA GLU C 198 -4.95 28.41 -31.05
C GLU C 198 -3.52 27.99 -31.38
N ASP C 199 -2.94 28.69 -32.35
CA ASP C 199 -1.55 28.46 -32.71
C ASP C 199 -1.00 29.83 -33.15
N PRO C 200 0.31 29.91 -33.42
CA PRO C 200 0.87 31.20 -33.84
C PRO C 200 0.15 31.91 -34.98
N THR C 201 -0.40 31.14 -35.91
CA THR C 201 -1.09 31.73 -37.07
C THR C 201 -2.54 32.14 -36.86
N GLY C 202 -3.14 31.76 -35.74
CA GLY C 202 -4.53 32.15 -35.53
C GLY C 202 -5.31 31.29 -34.58
N THR C 203 -6.56 31.66 -34.36
CA THR C 203 -7.47 30.95 -33.48
C THR C 203 -8.71 30.52 -34.22
N VAL C 204 -9.23 29.34 -33.90
CA VAL C 204 -10.44 28.86 -34.57
C VAL C 204 -11.45 28.22 -33.62
N GLN C 205 -12.71 28.58 -33.81
CA GLN C 205 -13.82 28.05 -33.03
C GLN C 205 -13.81 26.52 -33.15
N LEU C 206 -14.03 25.84 -32.03
CA LEU C 206 -14.03 24.38 -32.01
C LEU C 206 -15.36 23.78 -31.70
N ASP C 207 -15.65 22.67 -32.37
CA ASP C 207 -16.87 21.93 -32.13
C ASP C 207 -16.37 20.55 -31.74
N LEU C 208 -16.34 20.29 -30.44
CA LEU C 208 -15.86 19.01 -29.95
C LEU C 208 -17.01 18.13 -29.47
N SER C 209 -18.24 18.57 -29.75
CA SER C 209 -19.44 17.85 -29.33
C SER C 209 -19.51 16.38 -29.76
N LYS C 210 -18.73 15.99 -30.76
CA LYS C 210 -18.71 14.59 -31.23
C LYS C 210 -17.31 14.02 -31.25
N ALA C 211 -16.39 14.66 -30.53
CA ALA C 211 -15.00 14.22 -30.49
C ALA C 211 -14.69 13.08 -29.52
N GLN C 212 -13.73 12.26 -29.89
CA GLN C 212 -13.27 11.16 -29.06
C GLN C 212 -11.87 11.54 -28.61
N PHE C 213 -11.47 11.06 -27.43
CA PHE C 213 -10.16 11.38 -26.90
C PHE C 213 -9.30 10.16 -26.67
N HIS C 214 -8.01 10.28 -26.98
CA HIS C 214 -7.07 9.22 -26.72
C HIS C 214 -6.81 9.35 -25.21
N SER C 215 -6.03 8.45 -24.63
CA SER C 215 -5.76 8.53 -23.21
C SER C 215 -5.08 9.85 -22.84
N GLY C 216 -5.13 10.21 -21.57
CA GLY C 216 -4.53 11.46 -21.13
C GLY C 216 -5.52 12.36 -20.42
N LEU C 217 -5.02 13.36 -19.72
CA LEU C 217 -5.86 14.29 -18.98
C LEU C 217 -5.87 15.58 -19.78
N TYR C 218 -6.92 15.78 -20.57
CA TYR C 218 -7.02 16.96 -21.42
C TYR C 218 -7.56 18.18 -20.69
N THR C 219 -6.74 19.21 -20.63
CA THR C 219 -7.13 20.42 -19.93
C THR C 219 -7.00 21.67 -20.76
N GLU C 220 -7.60 22.73 -20.23
CA GLU C 220 -7.53 24.04 -20.84
C GLU C 220 -6.03 24.38 -20.86
N ALA C 221 -5.52 24.71 -22.04
CA ALA C 221 -4.12 25.08 -22.29
C ALA C 221 -3.24 23.94 -22.74
N CYS C 222 -3.82 22.74 -22.86
CA CYS C 222 -3.05 21.59 -23.33
C CYS C 222 -2.91 21.71 -24.84
N PHE C 223 -1.76 21.29 -25.37
CA PHE C 223 -1.60 21.32 -26.81
C PHE C 223 -2.03 19.95 -27.28
N VAL C 224 -2.77 19.93 -28.37
CA VAL C 224 -3.27 18.68 -28.89
C VAL C 224 -3.18 18.60 -30.42
N LEU C 225 -3.34 17.38 -30.92
CA LEU C 225 -3.40 17.14 -32.34
C LEU C 225 -4.89 16.90 -32.52
N ALA C 226 -5.58 17.83 -33.16
CA ALA C 226 -7.01 17.70 -33.38
C ALA C 226 -7.30 17.33 -34.83
N GLU C 227 -7.92 16.17 -35.01
CA GLU C 227 -8.27 15.66 -36.33
C GLU C 227 -9.77 15.88 -36.60
N GLY C 228 -10.09 16.36 -37.80
CA GLY C 228 -11.47 16.61 -38.15
C GLY C 228 -11.66 17.31 -39.48
N TRP C 229 -12.77 18.03 -39.61
CA TRP C 229 -13.08 18.75 -40.83
C TRP C 229 -13.42 20.19 -40.51
N PHE C 230 -13.22 21.09 -41.47
CA PHE C 230 -13.47 22.50 -41.27
C PHE C 230 -14.44 23.08 -42.30
N GLU C 231 -15.32 23.95 -41.84
CA GLU C 231 -16.28 24.59 -42.72
C GLU C 231 -17.02 25.72 -42.01
N ASP C 232 -17.16 26.84 -42.70
CA ASP C 232 -17.84 28.02 -42.17
C ASP C 232 -17.25 28.51 -40.86
N GLN C 233 -15.94 28.69 -40.86
CA GLN C 233 -15.20 29.21 -39.70
C GLN C 233 -15.34 28.39 -38.41
N VAL C 234 -15.54 27.08 -38.55
CA VAL C 234 -15.67 26.19 -37.40
C VAL C 234 -14.94 24.86 -37.66
N PHE C 235 -14.15 24.44 -36.69
CA PHE C 235 -13.39 23.20 -36.78
C PHE C 235 -14.11 22.11 -35.99
N HIS C 236 -14.66 21.14 -36.71
CA HIS C 236 -15.40 20.02 -36.14
C HIS C 236 -14.43 18.88 -35.89
N VAL C 237 -14.15 18.66 -34.60
CA VAL C 237 -13.19 17.63 -34.21
C VAL C 237 -13.76 16.24 -34.01
N ASN C 238 -13.10 15.25 -34.62
CA ASN C 238 -13.54 13.86 -34.47
C ASN C 238 -12.71 13.21 -33.38
N ALA C 239 -11.41 13.45 -33.41
CA ALA C 239 -10.52 12.86 -32.42
C ALA C 239 -9.50 13.85 -31.91
N PHE C 240 -9.18 13.73 -30.63
CA PHE C 240 -8.18 14.58 -29.99
C PHE C 240 -7.08 13.62 -29.57
N GLY C 241 -5.84 14.08 -29.65
CA GLY C 241 -4.71 13.24 -29.26
C GLY C 241 -3.64 14.19 -28.77
N PHE C 242 -2.57 13.66 -28.23
CA PHE C 242 -1.48 14.52 -27.76
C PHE C 242 -0.29 14.34 -28.69
N PRO C 243 0.55 15.38 -28.84
CA PRO C 243 1.69 15.18 -29.72
C PRO C 243 2.55 14.05 -29.12
N PRO C 244 3.02 13.14 -29.97
CA PRO C 244 3.84 12.01 -29.51
C PRO C 244 5.04 12.42 -28.66
N THR C 245 5.28 11.66 -27.60
CA THR C 245 6.38 11.93 -26.71
C THR C 245 7.67 11.39 -27.32
N GLU C 246 8.72 12.19 -27.23
CA GLU C 246 10.03 11.86 -27.76
C GLU C 246 10.97 11.50 -26.62
N PRO C 247 11.46 10.25 -26.60
CA PRO C 247 12.38 9.81 -25.55
C PRO C 247 13.75 10.51 -25.60
N SER C 248 14.45 10.50 -24.46
CA SER C 248 15.76 11.12 -24.31
C SER C 248 16.72 10.74 -25.45
N SER C 249 16.81 9.43 -25.71
CA SER C 249 17.67 8.93 -26.75
C SER C 249 17.39 9.63 -28.08
N THR C 250 16.12 9.82 -28.40
CA THR C 250 15.79 10.47 -29.66
C THR C 250 16.17 11.94 -29.67
N THR C 251 15.88 12.64 -28.59
CA THR C 251 16.21 14.06 -28.51
C THR C 251 17.71 14.25 -28.63
N ARG C 252 18.45 13.35 -27.98
CA ARG C 252 19.91 13.39 -27.99
C ARG C 252 20.46 13.11 -29.38
N ALA C 253 19.77 12.24 -30.12
CA ALA C 253 20.17 11.89 -31.48
C ALA C 253 20.03 13.09 -32.41
N TYR C 254 18.95 13.85 -32.28
CA TYR C 254 18.74 15.03 -33.13
C TYR C 254 19.62 16.22 -32.75
N TYR C 255 19.60 16.59 -31.48
CA TYR C 255 20.33 17.76 -31.02
C TYR C 255 21.74 17.60 -30.54
N GLY C 256 22.15 16.37 -30.26
CA GLY C 256 23.52 16.18 -29.82
C GLY C 256 23.69 15.95 -28.33
N ASN C 257 24.63 16.66 -27.72
CA ASN C 257 24.88 16.49 -26.30
C ASN C 257 24.77 17.78 -25.50
N ILE C 258 23.96 18.70 -26.01
CA ILE C 258 23.72 19.97 -25.34
C ILE C 258 23.27 19.62 -23.93
N ASN C 259 23.74 20.35 -22.93
CA ASN C 259 23.31 20.07 -21.56
C ASN C 259 22.09 20.94 -21.28
N PHE C 260 20.92 20.44 -21.63
CA PHE C 260 19.69 21.17 -21.38
C PHE C 260 19.37 21.17 -19.89
N PHE C 261 19.72 20.08 -19.22
CA PHE C 261 19.43 19.95 -17.80
C PHE C 261 20.00 21.03 -16.91
N GLY C 262 21.28 21.33 -17.08
CA GLY C 262 21.93 22.34 -16.28
C GLY C 262 22.99 21.70 -15.40
N GLY C 263 23.60 22.49 -14.53
CA GLY C 263 24.63 21.95 -13.67
C GLY C 263 26.04 22.19 -14.18
N PRO C 264 27.06 21.78 -13.42
CA PRO C 264 28.50 21.91 -13.70
C PRO C 264 28.94 21.56 -15.11
N SER C 265 28.51 20.40 -15.58
CA SER C 265 28.86 19.91 -16.91
C SER C 265 28.42 20.84 -18.03
N ASN C 266 29.08 20.76 -19.17
CA ASN C 266 28.72 21.60 -20.30
C ASN C 266 28.18 20.68 -21.40
N THR C 267 28.19 19.38 -21.10
CA THR C 267 27.69 18.35 -22.01
C THR C 267 26.74 17.43 -21.22
N SER C 268 25.78 16.80 -21.91
CA SER C 268 24.83 15.89 -21.26
C SER C 268 25.56 14.87 -20.41
N VAL C 269 25.03 14.60 -19.22
CA VAL C 269 25.64 13.62 -18.33
C VAL C 269 25.34 12.19 -18.76
N LYS C 270 24.37 12.03 -19.64
CA LYS C 270 24.00 10.69 -20.11
C LYS C 270 25.05 10.19 -21.10
N THR C 271 26.05 11.02 -21.35
CA THR C 271 27.12 10.68 -22.30
C THR C 271 28.49 10.65 -21.62
N SER C 272 28.53 10.34 -20.33
CA SER C 272 29.77 10.29 -19.58
C SER C 272 30.04 8.88 -19.08
N ALA C 273 30.74 8.08 -19.89
CA ALA C 273 31.05 6.68 -19.53
C ALA C 273 31.68 6.57 -18.15
N LYS C 274 32.26 7.68 -17.68
CA LYS C 274 32.89 7.70 -16.37
C LYS C 274 31.81 7.66 -15.29
N LEU C 275 30.88 8.61 -15.36
CA LEU C 275 29.77 8.68 -14.41
C LEU C 275 28.92 7.42 -14.47
N LYS C 276 28.75 6.87 -15.67
CA LYS C 276 27.98 5.64 -15.84
C LYS C 276 28.63 4.55 -14.99
N GLN C 277 29.96 4.53 -15.03
CA GLN C 277 30.74 3.57 -14.27
C GLN C 277 30.40 3.70 -12.78
N LEU C 278 30.61 4.90 -12.24
CA LEU C 278 30.33 5.21 -10.84
C LEU C 278 28.89 4.87 -10.46
N GLU C 279 27.98 5.19 -11.35
CA GLU C 279 26.56 4.95 -11.13
C GLU C 279 26.25 3.48 -10.90
N GLU C 280 26.84 2.61 -11.71
CA GLU C 280 26.63 1.18 -11.61
C GLU C 280 27.37 0.54 -10.46
N GLU C 281 28.47 1.15 -10.05
CA GLU C 281 29.24 0.62 -8.95
C GLU C 281 28.54 0.90 -7.61
N ASN C 282 28.07 2.13 -7.42
CA ASN C 282 27.40 2.53 -6.19
C ASN C 282 25.97 1.99 -6.17
N LYS C 283 25.85 0.68 -5.95
CA LYS C 283 24.56 0.01 -5.92
C LYS C 283 23.74 0.41 -4.70
N ASP C 284 24.41 0.91 -3.67
CA ASP C 284 23.72 1.32 -2.46
C ASP C 284 23.19 2.74 -2.53
N ALA C 285 23.49 3.46 -3.61
CA ALA C 285 23.01 4.85 -3.76
C ALA C 285 21.50 4.83 -3.59
N MET C 286 20.97 5.84 -2.92
CA MET C 286 19.54 5.87 -2.65
C MET C 286 18.99 7.25 -2.33
N PHE C 287 17.86 7.60 -2.95
CA PHE C 287 17.20 8.88 -2.71
C PHE C 287 15.81 8.67 -2.09
N VAL C 288 15.56 9.34 -0.96
CA VAL C 288 14.29 9.24 -0.24
C VAL C 288 13.45 10.49 -0.44
N PHE C 289 12.23 10.31 -0.97
CA PHE C 289 11.37 11.46 -1.24
C PHE C 289 10.15 11.47 -0.31
N LEU C 290 9.92 12.62 0.33
CA LEU C 290 8.79 12.86 1.23
C LEU C 290 8.18 14.19 0.82
N SER C 291 6.89 14.37 1.07
CA SER C 291 6.18 15.60 0.72
C SER C 291 5.26 16.01 1.88
N ASP C 292 4.98 17.31 1.97
CA ASP C 292 4.15 17.86 3.04
C ASP C 292 4.70 17.45 4.41
N VAL C 293 6.01 17.62 4.62
CA VAL C 293 6.61 17.29 5.91
C VAL C 293 6.26 18.42 6.89
N TRP C 294 5.11 18.32 7.53
CA TRP C 294 4.66 19.34 8.47
C TRP C 294 5.43 19.23 9.78
N LEU C 295 6.52 19.98 9.87
CA LEU C 295 7.38 19.96 11.05
C LEU C 295 6.74 20.48 12.32
N ASP C 296 5.57 21.06 12.22
CA ASP C 296 4.89 21.58 13.39
C ASP C 296 4.06 20.50 14.07
N GLN C 297 3.92 19.34 13.42
CA GLN C 297 3.14 18.24 13.94
C GLN C 297 3.99 17.20 14.67
N VAL C 298 3.65 16.92 15.94
CA VAL C 298 4.38 15.95 16.73
C VAL C 298 4.50 14.60 15.99
N GLU C 299 3.38 14.05 15.54
CA GLU C 299 3.45 12.78 14.86
C GLU C 299 4.37 12.77 13.64
N VAL C 300 4.43 13.88 12.91
CA VAL C 300 5.34 13.91 11.75
C VAL C 300 6.78 13.80 12.24
N LEU C 301 7.10 14.48 13.34
CA LEU C 301 8.44 14.43 13.88
C LEU C 301 8.77 13.02 14.38
N GLU C 302 7.81 12.39 15.05
CA GLU C 302 8.03 11.04 15.56
C GLU C 302 8.29 10.05 14.42
N LYS C 303 7.63 10.23 13.28
CA LYS C 303 7.85 9.31 12.18
C LYS C 303 9.19 9.59 11.47
N LEU C 304 9.61 10.85 11.46
CA LEU C 304 10.89 11.17 10.87
C LEU C 304 11.98 10.49 11.74
N ARG C 305 11.75 10.38 13.05
CA ARG C 305 12.73 9.73 13.94
C ARG C 305 12.88 8.27 13.57
N ILE C 306 11.74 7.62 13.41
CA ILE C 306 11.68 6.22 13.06
C ILE C 306 12.42 6.01 11.73
N MET C 307 12.22 6.93 10.80
CA MET C 307 12.86 6.86 9.50
C MET C 307 14.38 6.99 9.66
N PHE C 308 14.81 7.93 10.50
CA PHE C 308 16.24 8.14 10.75
C PHE C 308 16.83 6.95 11.50
N ALA C 309 16.10 6.43 12.47
CA ALA C 309 16.57 5.26 13.19
C ALA C 309 16.73 4.11 12.18
N GLY C 310 15.65 3.81 11.45
CA GLY C 310 15.66 2.72 10.49
C GLY C 310 16.73 2.82 9.41
N TYR C 311 17.10 4.04 9.06
CA TYR C 311 18.11 4.24 8.02
C TYR C 311 19.53 4.38 8.55
N SER C 312 19.68 4.42 9.88
CA SER C 312 21.03 4.56 10.45
C SER C 312 22.01 3.50 9.96
N PRO C 313 21.63 2.23 10.00
CA PRO C 313 22.58 1.20 9.53
C PRO C 313 22.94 1.31 8.05
N ALA C 314 22.18 2.09 7.29
CA ALA C 314 22.44 2.28 5.86
C ALA C 314 21.88 3.64 5.42
N PRO C 315 22.52 4.75 5.84
CA PRO C 315 22.07 6.08 5.48
C PRO C 315 21.96 6.36 3.99
N PRO C 316 20.80 6.89 3.56
CA PRO C 316 20.63 7.17 2.13
C PRO C 316 21.48 8.33 1.66
N THR C 317 21.75 8.31 0.37
CA THR C 317 22.55 9.32 -0.28
C THR C 317 21.94 10.69 -0.05
N CYS C 318 20.61 10.74 -0.12
CA CYS C 318 19.93 12.01 0.02
C CYS C 318 18.48 11.86 0.43
N PHE C 319 18.01 12.78 1.25
CA PHE C 319 16.62 12.81 1.67
C PHE C 319 16.04 14.07 0.99
N ILE C 320 15.08 13.91 0.09
CA ILE C 320 14.48 15.08 -0.53
C ILE C 320 13.19 15.32 0.24
N LEU C 321 13.18 16.35 1.09
CA LEU C 321 12.00 16.67 1.88
C LEU C 321 11.24 17.80 1.20
N CYS C 322 10.02 17.50 0.78
CA CYS C 322 9.23 18.49 0.11
C CYS C 322 8.28 19.26 0.95
N GLY C 323 8.03 20.43 0.39
CA GLY C 323 7.21 21.47 0.92
C GLY C 323 5.83 21.33 1.50
N ASN C 324 5.59 22.42 2.22
CA ASN C 324 4.45 22.77 3.05
C ASN C 324 5.01 22.08 4.27
N PHE C 325 5.84 22.87 4.94
CA PHE C 325 6.55 22.44 6.14
C PHE C 325 5.77 22.85 7.36
N SER C 326 4.52 23.25 7.15
CA SER C 326 3.67 23.62 8.25
C SER C 326 2.26 23.16 7.95
N SER C 327 1.64 22.52 8.94
CA SER C 327 0.28 22.06 8.79
C SER C 327 -0.65 23.26 8.91
N ALA C 328 -0.12 24.38 9.40
CA ALA C 328 -0.94 25.57 9.59
C ALA C 328 -0.32 26.89 9.13
N PRO C 329 -0.54 27.25 7.85
CA PRO C 329 0.03 28.51 7.35
C PRO C 329 -0.82 29.77 7.66
N TYR C 330 -1.61 29.72 8.74
CA TYR C 330 -2.45 30.85 9.18
C TYR C 330 -1.60 31.60 10.21
N GLY C 331 -1.07 30.82 11.16
CA GLY C 331 -0.15 31.32 12.18
C GLY C 331 -0.32 32.43 13.20
N LYS C 332 0.42 32.25 14.29
CA LYS C 332 0.49 33.20 15.39
C LYS C 332 1.63 34.10 14.93
N ASN C 333 2.36 33.61 13.92
CA ASN C 333 3.49 34.26 13.27
C ASN C 333 4.26 33.19 12.45
N GLN C 334 3.82 33.02 11.22
CA GLN C 334 4.37 32.05 10.30
C GLN C 334 5.88 31.86 10.21
N VAL C 335 6.60 32.89 9.78
CA VAL C 335 8.05 32.76 9.63
C VAL C 335 8.79 32.24 10.87
N GLN C 336 8.39 32.68 12.06
CA GLN C 336 9.07 32.24 13.27
C GLN C 336 8.69 30.80 13.63
N ALA C 337 7.46 30.40 13.30
CA ALA C 337 7.03 29.04 13.60
C ALA C 337 7.84 28.10 12.75
N LEU C 338 8.06 28.49 11.50
CA LEU C 338 8.85 27.68 10.59
C LEU C 338 10.29 27.59 11.08
N LYS C 339 10.85 28.72 11.52
CA LYS C 339 12.21 28.74 12.06
C LYS C 339 12.38 27.82 13.27
N ASP C 340 11.37 27.85 14.17
CA ASP C 340 11.39 27.01 15.36
C ASP C 340 11.37 25.54 14.95
N SER C 341 10.47 25.18 14.03
CA SER C 341 10.34 23.81 13.51
C SER C 341 11.64 23.28 12.95
N LEU C 342 12.36 24.13 12.22
CA LEU C 342 13.61 23.70 11.64
C LEU C 342 14.65 23.45 12.74
N LYS C 343 14.50 24.12 13.88
CA LYS C 343 15.41 23.91 15.00
C LYS C 343 15.20 22.49 15.51
N THR C 344 13.94 22.11 15.64
CA THR C 344 13.59 20.79 16.10
C THR C 344 14.09 19.72 15.14
N LEU C 345 13.90 19.96 13.85
CA LEU C 345 14.36 19.00 12.85
C LEU C 345 15.86 18.83 12.95
N ALA C 346 16.58 19.94 13.09
CA ALA C 346 18.05 19.88 13.20
C ALA C 346 18.44 19.07 14.44
N ASP C 347 17.72 19.25 15.53
CA ASP C 347 18.01 18.51 16.75
C ASP C 347 17.84 17.02 16.50
N ILE C 348 16.72 16.63 15.87
CA ILE C 348 16.46 15.23 15.59
C ILE C 348 17.53 14.66 14.68
N ILE C 349 17.87 15.35 13.60
CA ILE C 349 18.91 14.86 12.70
C ILE C 349 20.23 14.66 13.43
N CYS C 350 20.55 15.58 14.34
CA CYS C 350 21.81 15.51 15.08
C CYS C 350 21.86 14.35 16.07
N GLU C 351 20.69 13.84 16.44
CA GLU C 351 20.59 12.72 17.36
C GLU C 351 20.82 11.39 16.64
N TYR C 352 20.98 11.44 15.31
CA TYR C 352 21.24 10.25 14.52
C TYR C 352 22.51 10.52 13.75
N PRO C 353 23.66 10.53 14.44
CA PRO C 353 24.98 10.79 13.82
C PRO C 353 25.29 10.06 12.53
N ASP C 354 24.77 8.85 12.38
CA ASP C 354 24.99 8.07 11.17
C ASP C 354 24.36 8.75 9.97
N ILE C 355 23.19 9.34 10.20
CA ILE C 355 22.50 10.04 9.14
C ILE C 355 23.08 11.42 8.98
N HIS C 356 23.25 12.09 10.11
CA HIS C 356 23.81 13.43 10.11
C HIS C 356 25.13 13.53 9.34
N GLN C 357 25.96 12.50 9.46
CA GLN C 357 27.26 12.53 8.82
C GLN C 357 27.31 12.03 7.38
N SER C 358 26.31 11.25 6.96
CA SER C 358 26.35 10.69 5.61
C SER C 358 25.31 11.22 4.65
N SER C 359 24.09 11.41 5.13
CA SER C 359 23.01 11.82 4.24
C SER C 359 22.89 13.30 3.98
N ARG C 360 22.67 13.64 2.71
CA ARG C 360 22.48 15.03 2.29
C ARG C 360 20.97 15.29 2.40
N PHE C 361 20.59 16.54 2.65
CA PHE C 361 19.19 16.90 2.75
C PHE C 361 18.86 17.99 1.75
N VAL C 362 17.79 17.82 0.99
CA VAL C 362 17.38 18.83 0.03
C VAL C 362 15.95 19.23 0.34
N PHE C 363 15.73 20.53 0.52
CA PHE C 363 14.40 21.00 0.81
C PHE C 363 13.78 21.72 -0.37
N VAL C 364 12.71 21.13 -0.91
CA VAL C 364 11.99 21.75 -2.03
C VAL C 364 10.75 22.37 -1.42
N PRO C 365 10.61 23.70 -1.47
CA PRO C 365 9.48 24.45 -0.91
C PRO C 365 8.16 24.25 -1.65
N GLY C 366 7.06 24.30 -0.88
CA GLY C 366 5.74 24.14 -1.46
C GLY C 366 5.06 25.46 -1.71
N PRO C 367 3.88 25.45 -2.36
CA PRO C 367 3.17 26.70 -2.62
C PRO C 367 2.67 27.46 -1.40
N GLU C 368 2.61 26.82 -0.23
CA GLU C 368 2.15 27.52 0.97
C GLU C 368 3.29 27.98 1.87
N ASP C 369 4.52 27.61 1.54
CA ASP C 369 5.63 28.02 2.40
C ASP C 369 5.99 29.47 2.14
N PRO C 370 6.53 30.17 3.17
CA PRO C 370 6.94 31.58 3.10
C PRO C 370 7.73 31.81 1.81
N GLY C 371 7.52 32.98 1.21
CA GLY C 371 8.17 33.30 -0.04
C GLY C 371 7.03 33.59 -1.02
N PHE C 372 7.31 33.68 -2.30
CA PHE C 372 6.23 33.93 -3.24
C PHE C 372 5.86 32.59 -3.81
N GLY C 373 5.35 31.72 -2.95
CA GLY C 373 5.01 30.37 -3.35
C GLY C 373 3.95 30.14 -4.40
N SER C 374 3.08 31.13 -4.64
CA SER C 374 2.02 30.94 -5.61
C SER C 374 2.37 31.29 -7.05
N ILE C 375 3.59 31.71 -7.30
CA ILE C 375 4.01 32.00 -8.68
C ILE C 375 5.24 31.14 -8.94
N LEU C 376 5.29 30.51 -10.10
CA LEU C 376 6.40 29.64 -10.43
C LEU C 376 7.34 30.18 -11.51
N PRO C 377 8.63 29.82 -11.44
CA PRO C 377 9.25 28.97 -10.41
C PRO C 377 9.28 29.80 -9.14
N ARG C 378 9.28 29.18 -7.97
CA ARG C 378 9.33 29.98 -6.74
C ARG C 378 10.73 29.84 -6.17
N PRO C 379 11.24 30.89 -5.52
CA PRO C 379 12.58 30.85 -4.92
C PRO C 379 12.59 29.98 -3.66
N PRO C 380 13.79 29.67 -3.15
CA PRO C 380 13.90 28.86 -1.93
C PRO C 380 13.45 29.62 -0.70
N LEU C 381 13.33 28.92 0.43
CA LEU C 381 12.96 29.60 1.67
C LEU C 381 14.06 30.63 1.92
N ALA C 382 13.68 31.79 2.47
CA ALA C 382 14.61 32.87 2.79
C ALA C 382 15.76 32.39 3.66
N GLU C 383 16.97 32.84 3.33
CA GLU C 383 18.14 32.42 4.10
C GLU C 383 18.04 32.77 5.56
N SER C 384 17.36 33.86 5.88
CA SER C 384 17.24 34.21 7.28
C SER C 384 16.51 33.10 8.01
N ILE C 385 15.61 32.41 7.32
CA ILE C 385 14.83 31.32 7.88
C ILE C 385 15.61 30.00 8.05
N THR C 386 16.59 29.78 7.18
CA THR C 386 17.34 28.54 7.18
C THR C 386 18.79 28.55 7.66
N ASN C 387 19.35 29.74 7.91
CA ASN C 387 20.74 29.89 8.34
C ASN C 387 21.13 28.96 9.50
N GLU C 388 20.32 29.02 10.55
CA GLU C 388 20.54 28.23 11.74
C GLU C 388 20.58 26.74 11.46
N PHE C 389 19.57 26.26 10.72
CA PHE C 389 19.49 24.85 10.34
C PHE C 389 20.73 24.44 9.57
N ARG C 390 21.12 25.24 8.59
CA ARG C 390 22.28 24.92 7.77
C ARG C 390 23.59 24.93 8.56
N GLN C 391 23.60 25.58 9.71
CA GLN C 391 24.82 25.62 10.52
C GLN C 391 25.00 24.28 11.22
N ARG C 392 23.87 23.74 11.69
CA ARG C 392 23.84 22.46 12.37
C ARG C 392 23.90 21.28 11.39
N VAL C 393 23.28 21.43 10.23
CA VAL C 393 23.26 20.37 9.22
C VAL C 393 23.87 20.92 7.94
N PRO C 394 25.21 21.02 7.92
CA PRO C 394 25.92 21.55 6.76
C PRO C 394 25.67 20.86 5.42
N PHE C 395 25.23 19.60 5.43
CA PHE C 395 24.98 18.88 4.18
C PHE C 395 23.57 19.07 3.67
N SER C 396 23.04 20.28 3.83
CA SER C 396 21.70 20.54 3.35
C SER C 396 21.70 21.70 2.37
N VAL C 397 20.71 21.72 1.50
CA VAL C 397 20.57 22.82 0.57
C VAL C 397 19.09 23.07 0.38
N PHE C 398 18.69 24.32 0.54
CA PHE C 398 17.30 24.70 0.35
C PHE C 398 17.22 25.27 -1.03
N THR C 399 16.52 24.54 -1.90
CA THR C 399 16.42 24.95 -3.28
C THR C 399 15.07 25.52 -3.71
N THR C 400 14.93 25.71 -5.02
CA THR C 400 13.72 26.25 -5.61
C THR C 400 12.67 25.18 -5.85
N ASN C 401 11.58 25.58 -6.47
CA ASN C 401 10.53 24.64 -6.81
C ASN C 401 9.98 25.14 -8.11
N PRO C 402 10.05 24.33 -9.16
CA PRO C 402 10.63 22.99 -9.15
C PRO C 402 12.15 23.09 -9.04
N CYS C 403 12.81 21.96 -8.97
CA CYS C 403 14.26 21.94 -8.90
C CYS C 403 14.73 20.71 -9.67
N ARG C 404 16.01 20.68 -10.00
CA ARG C 404 16.53 19.54 -10.75
C ARG C 404 17.69 18.97 -10.00
N ILE C 405 17.78 17.65 -10.01
CA ILE C 405 18.87 16.97 -9.34
C ILE C 405 19.59 16.11 -10.36
N GLN C 406 20.91 16.20 -10.36
CA GLN C 406 21.69 15.42 -11.30
C GLN C 406 22.57 14.51 -10.47
N TYR C 407 22.47 13.22 -10.74
CA TYR C 407 23.26 12.22 -10.05
C TYR C 407 23.84 11.31 -11.11
N CYS C 408 25.16 11.35 -11.24
CA CYS C 408 25.87 10.60 -12.26
C CYS C 408 25.25 10.85 -13.63
N THR C 409 24.77 9.83 -14.30
CA THR C 409 24.21 10.03 -15.63
C THR C 409 22.70 10.18 -15.63
N GLN C 410 22.13 10.38 -14.44
CA GLN C 410 20.69 10.52 -14.33
C GLN C 410 20.16 11.91 -14.03
N GLU C 411 19.04 12.24 -14.65
CA GLU C 411 18.41 13.53 -14.45
C GLU C 411 17.10 13.35 -13.67
N ILE C 412 16.97 14.09 -12.57
CA ILE C 412 15.78 14.00 -11.75
C ILE C 412 15.15 15.39 -11.64
N THR C 413 13.87 15.50 -11.98
CA THR C 413 13.18 16.76 -11.87
C THR C 413 12.17 16.60 -10.72
N VAL C 414 12.14 17.55 -9.80
CA VAL C 414 11.23 17.49 -8.64
C VAL C 414 10.36 18.74 -8.63
N PHE C 415 9.06 18.52 -8.47
CA PHE C 415 8.07 19.57 -8.51
C PHE C 415 7.03 19.33 -7.42
N ARG C 416 6.83 20.30 -6.54
CA ARG C 416 5.84 20.17 -5.48
C ARG C 416 4.65 21.03 -5.81
N GLU C 417 3.52 20.41 -6.10
CA GLU C 417 2.31 21.15 -6.43
C GLU C 417 1.15 20.20 -6.38
N ASP C 418 -0.01 20.69 -5.95
CA ASP C 418 -1.19 19.84 -5.90
C ASP C 418 -1.71 19.98 -7.33
N LEU C 419 -0.95 19.40 -8.25
CA LEU C 419 -1.23 19.52 -9.66
C LEU C 419 -2.41 18.70 -10.15
N VAL C 420 -2.56 17.47 -9.67
CA VAL C 420 -3.66 16.66 -10.14
C VAL C 420 -5.01 17.34 -9.98
N ASN C 421 -5.27 17.97 -8.84
CA ASN C 421 -6.56 18.63 -8.67
C ASN C 421 -6.70 19.83 -9.58
N LYS C 422 -5.60 20.51 -9.86
CA LYS C 422 -5.72 21.65 -10.75
C LYS C 422 -6.08 21.16 -12.16
N MET C 423 -5.45 20.07 -12.58
CA MET C 423 -5.69 19.51 -13.90
C MET C 423 -7.14 19.02 -13.99
N CYS C 424 -7.59 18.35 -12.95
CA CYS C 424 -8.96 17.84 -12.93
C CYS C 424 -9.98 18.98 -13.00
N ARG C 425 -9.78 20.01 -12.17
CA ARG C 425 -10.69 21.14 -12.17
C ARG C 425 -10.69 21.93 -13.48
N ASN C 426 -9.75 21.62 -14.37
CA ASN C 426 -9.66 22.30 -15.66
C ASN C 426 -9.71 21.36 -16.85
N CYS C 427 -10.23 20.16 -16.64
CA CYS C 427 -10.32 19.16 -17.70
C CYS C 427 -11.40 19.51 -18.71
N VAL C 428 -11.20 19.07 -19.95
CA VAL C 428 -12.18 19.28 -21.01
C VAL C 428 -13.27 18.25 -20.69
N ARG C 429 -12.84 17.10 -20.21
CA ARG C 429 -13.72 15.99 -19.85
C ARG C 429 -12.97 15.03 -18.92
N PHE C 430 -13.69 14.09 -18.32
CA PHE C 430 -13.04 13.10 -17.47
C PHE C 430 -12.48 12.05 -18.39
N PRO C 431 -11.24 11.60 -18.16
CA PRO C 431 -10.63 10.58 -19.01
C PRO C 431 -11.42 9.30 -18.77
N SER C 432 -11.25 8.29 -19.60
CA SER C 432 -12.01 7.06 -19.39
C SER C 432 -11.47 6.31 -18.18
N SER C 433 -12.37 5.66 -17.45
CA SER C 433 -11.97 4.93 -16.26
C SER C 433 -11.22 3.64 -16.55
N ASN C 434 -11.01 3.31 -17.83
CA ASN C 434 -10.29 2.08 -18.14
C ASN C 434 -8.78 2.24 -17.90
N LEU C 435 -8.39 3.40 -17.39
CA LEU C 435 -6.98 3.69 -17.09
C LEU C 435 -6.98 4.60 -15.86
N ALA C 436 -6.08 4.33 -14.92
CA ALA C 436 -5.99 5.12 -13.68
C ALA C 436 -5.57 6.57 -13.92
N ILE C 437 -6.07 7.46 -13.08
CA ILE C 437 -5.77 8.88 -13.21
C ILE C 437 -4.28 9.22 -13.29
N PRO C 438 -3.44 8.56 -12.48
CA PRO C 438 -2.01 8.89 -12.57
C PRO C 438 -1.38 8.53 -13.92
N ASN C 439 -1.93 7.51 -14.56
CA ASN C 439 -1.45 7.10 -15.88
C ASN C 439 -1.88 8.12 -16.93
N HIS C 440 -3.07 8.69 -16.77
CA HIS C 440 -3.52 9.71 -17.71
C HIS C 440 -2.66 10.94 -17.46
N PHE C 441 -2.52 11.25 -16.19
CA PHE C 441 -1.75 12.39 -15.72
C PHE C 441 -0.33 12.48 -16.26
N VAL C 442 0.41 11.41 -16.13
CA VAL C 442 1.77 11.37 -16.57
C VAL C 442 1.85 11.49 -18.08
N LYS C 443 0.91 10.87 -18.78
CA LYS C 443 0.92 10.97 -20.23
C LYS C 443 0.84 12.45 -20.59
N THR C 444 0.00 13.18 -19.87
CA THR C 444 -0.18 14.59 -20.13
C THR C 444 1.11 15.38 -19.93
N ILE C 445 1.68 15.29 -18.73
CA ILE C 445 2.91 16.02 -18.43
C ILE C 445 4.04 15.77 -19.45
N LEU C 446 4.30 14.51 -19.78
CA LEU C 446 5.35 14.22 -20.74
C LEU C 446 4.98 14.64 -22.17
N SER C 447 3.75 14.39 -22.58
CA SER C 447 3.31 14.77 -23.92
C SER C 447 3.36 16.28 -24.06
N GLN C 448 3.14 17.00 -22.97
CA GLN C 448 3.17 18.44 -23.04
C GLN C 448 4.60 18.93 -22.88
N GLY C 449 5.44 18.08 -22.28
CA GLY C 449 6.82 18.45 -22.05
C GLY C 449 6.91 19.69 -21.18
N HIS C 450 5.97 19.82 -20.25
CA HIS C 450 5.90 20.99 -19.39
C HIS C 450 5.21 20.63 -18.06
N LEU C 451 5.69 21.15 -16.94
CA LEU C 451 5.11 20.83 -15.62
C LEU C 451 3.72 21.42 -15.39
N THR C 452 3.49 22.62 -15.91
CA THR C 452 2.23 23.29 -15.74
C THR C 452 1.55 23.57 -17.09
N PRO C 453 1.02 22.53 -17.74
CA PRO C 453 0.34 22.67 -19.03
C PRO C 453 -1.05 23.23 -18.83
N LEU C 454 -1.14 24.29 -18.04
CA LEU C 454 -2.41 24.94 -17.72
C LEU C 454 -2.34 26.45 -17.95
N PRO C 455 -3.49 27.13 -17.88
CA PRO C 455 -3.51 28.57 -18.09
C PRO C 455 -2.81 29.31 -16.97
N LEU C 456 -2.38 30.55 -17.23
CA LEU C 456 -1.70 31.35 -16.22
C LEU C 456 -2.62 31.60 -15.02
N TYR C 457 -3.90 31.86 -15.24
CA TYR C 457 -4.78 32.10 -14.09
C TYR C 457 -4.89 30.87 -13.17
N VAL C 458 -4.58 29.69 -13.71
CA VAL C 458 -4.61 28.45 -12.94
C VAL C 458 -3.22 28.16 -12.33
N CYS C 459 -2.18 28.38 -13.13
CA CYS C 459 -0.79 28.18 -12.70
C CYS C 459 0.04 29.42 -13.06
N PRO C 460 0.03 30.43 -12.17
CA PRO C 460 0.80 31.66 -12.40
C PRO C 460 2.29 31.37 -12.58
N VAL C 461 2.86 31.94 -13.64
CA VAL C 461 4.27 31.75 -13.95
C VAL C 461 4.89 33.09 -14.36
N TYR C 462 6.12 33.34 -13.93
CA TYR C 462 6.79 34.58 -14.33
C TYR C 462 6.99 34.33 -15.83
N TRP C 463 6.27 35.08 -16.66
CA TRP C 463 6.34 34.86 -18.11
C TRP C 463 7.72 34.53 -18.67
N ALA C 464 8.71 35.36 -18.41
CA ALA C 464 10.06 35.14 -18.93
C ALA C 464 10.74 33.88 -18.41
N TYR C 465 10.20 33.28 -17.37
CA TYR C 465 10.80 32.07 -16.80
C TYR C 465 10.05 30.76 -17.02
N ASP C 466 9.08 30.77 -17.92
CA ASP C 466 8.34 29.55 -18.21
C ASP C 466 9.25 28.39 -18.64
N TYR C 467 10.30 28.69 -19.41
CA TYR C 467 11.23 27.65 -19.89
C TYR C 467 11.79 26.81 -18.73
N ALA C 468 11.81 27.37 -17.53
CA ALA C 468 12.33 26.61 -16.39
C ALA C 468 11.36 25.52 -15.91
N LEU C 469 10.13 25.54 -16.39
CA LEU C 469 9.12 24.56 -15.99
C LEU C 469 8.95 23.46 -17.02
N ARG C 470 9.90 23.41 -17.94
CA ARG C 470 9.91 22.44 -19.02
C ARG C 470 10.34 21.05 -18.57
N VAL C 471 9.76 20.04 -19.18
CA VAL C 471 10.09 18.64 -18.89
C VAL C 471 10.45 18.04 -20.26
N TYR C 472 11.51 18.57 -20.85
CA TYR C 472 12.00 18.14 -22.15
C TYR C 472 13.43 18.65 -22.35
N PRO C 473 14.37 17.74 -22.67
CA PRO C 473 14.16 16.31 -22.83
C PRO C 473 13.65 15.62 -21.58
N VAL C 474 12.95 14.51 -21.79
CA VAL C 474 12.38 13.68 -20.74
C VAL C 474 13.47 13.24 -19.78
N PRO C 475 13.23 13.37 -18.46
CA PRO C 475 14.25 12.96 -17.49
C PRO C 475 14.16 11.47 -17.11
N ASP C 476 15.07 11.01 -16.27
CA ASP C 476 15.08 9.62 -15.83
C ASP C 476 13.98 9.41 -14.78
N LEU C 477 13.83 10.41 -13.93
CA LEU C 477 12.86 10.37 -12.88
C LEU C 477 12.18 11.72 -12.75
N LEU C 478 10.85 11.72 -12.78
CA LEU C 478 10.05 12.92 -12.63
C LEU C 478 9.27 12.73 -11.31
N VAL C 479 9.48 13.63 -10.36
CA VAL C 479 8.80 13.52 -9.08
C VAL C 479 7.79 14.66 -8.94
N ILE C 480 6.52 14.32 -8.96
CA ILE C 480 5.48 15.33 -8.79
C ILE C 480 4.96 15.08 -7.38
N ALA C 481 5.49 15.80 -6.40
CA ALA C 481 5.07 15.65 -5.02
C ALA C 481 3.75 16.40 -4.97
N ASP C 482 2.68 15.64 -4.75
CA ASP C 482 1.30 16.13 -4.78
C ASP C 482 0.52 15.65 -3.53
N LYS C 483 -0.57 16.32 -3.17
CA LYS C 483 -1.36 15.87 -2.00
C LYS C 483 -2.21 14.67 -2.47
N TYR C 484 -2.20 14.45 -3.78
CA TYR C 484 -2.93 13.35 -4.39
C TYR C 484 -2.31 12.02 -3.92
N ASP C 485 -3.08 10.94 -3.96
CA ASP C 485 -2.59 9.63 -3.54
C ASP C 485 -1.23 9.34 -4.19
N PRO C 486 -0.35 8.64 -3.44
CA PRO C 486 0.97 8.32 -4.02
C PRO C 486 0.83 7.39 -5.20
N PHE C 487 1.85 7.37 -6.06
CA PHE C 487 1.83 6.51 -7.23
C PHE C 487 3.19 6.37 -7.88
N THR C 488 3.35 5.32 -8.66
CA THR C 488 4.57 5.08 -9.42
C THR C 488 4.09 4.60 -10.79
N THR C 489 4.54 5.28 -11.83
CA THR C 489 4.15 4.91 -13.17
C THR C 489 5.41 5.01 -14.00
N THR C 490 5.33 4.56 -15.24
CA THR C 490 6.47 4.64 -16.12
C THR C 490 5.94 4.95 -17.53
N ASN C 491 6.36 6.10 -18.06
CA ASN C 491 5.92 6.51 -19.39
C ASN C 491 7.13 6.97 -20.19
N THR C 492 7.20 6.56 -21.46
CA THR C 492 8.32 6.91 -22.34
C THR C 492 9.69 6.89 -21.67
N GLU C 493 10.05 5.75 -21.07
CA GLU C 493 11.37 5.62 -20.44
C GLU C 493 11.54 6.45 -19.19
N CYS C 494 10.53 7.23 -18.84
CA CYS C 494 10.63 8.07 -17.67
C CYS C 494 9.85 7.58 -16.47
N LEU C 495 10.54 7.43 -15.36
CA LEU C 495 9.88 7.01 -14.14
C LEU C 495 9.24 8.25 -13.54
N CYS C 496 7.94 8.19 -13.27
CA CYS C 496 7.26 9.33 -12.67
C CYS C 496 6.58 8.87 -11.38
N ILE C 497 6.93 9.49 -10.25
CA ILE C 497 6.37 9.10 -8.95
C ILE C 497 5.85 10.29 -8.13
N ASN C 498 5.03 9.96 -7.15
CA ASN C 498 4.48 10.93 -6.22
C ASN C 498 4.45 10.23 -4.85
N PRO C 499 5.28 10.68 -3.91
CA PRO C 499 5.31 10.06 -2.58
C PRO C 499 4.04 10.33 -1.79
N GLY C 500 3.28 11.32 -2.21
CA GLY C 500 2.05 11.67 -1.52
C GLY C 500 2.32 12.54 -0.31
N SER C 501 1.24 12.89 0.39
CA SER C 501 1.33 13.74 1.57
C SER C 501 1.67 12.87 2.77
N PHE C 502 2.91 12.98 3.23
CA PHE C 502 3.40 12.21 4.35
C PHE C 502 2.40 12.07 5.52
N PRO C 503 1.94 13.19 6.11
CA PRO C 503 0.98 13.14 7.24
C PRO C 503 -0.36 12.53 6.91
N ARG C 504 -0.73 12.59 5.63
CA ARG C 504 -2.02 12.10 5.20
C ARG C 504 -2.06 10.79 4.41
N SER C 505 -0.91 10.19 4.17
CA SER C 505 -0.85 8.94 3.43
C SER C 505 -0.40 7.82 4.34
N GLY C 506 -0.67 7.94 5.63
CA GLY C 506 -0.22 6.92 6.57
C GLY C 506 1.30 6.96 6.65
N PHE C 507 1.87 8.15 6.50
CA PHE C 507 3.30 8.34 6.57
C PHE C 507 4.08 7.47 5.59
N SER C 508 3.69 7.58 4.34
CA SER C 508 4.30 6.87 3.24
C SER C 508 5.35 7.75 2.60
N PHE C 509 6.36 7.13 2.00
CA PHE C 509 7.39 7.88 1.29
C PHE C 509 7.96 6.99 0.19
N LYS C 510 8.75 7.55 -0.73
CA LYS C 510 9.31 6.75 -1.82
C LYS C 510 10.83 6.68 -1.80
N VAL C 511 11.36 5.59 -2.33
CA VAL C 511 12.79 5.40 -2.38
C VAL C 511 13.18 5.06 -3.81
N PHE C 512 14.26 5.67 -4.27
CA PHE C 512 14.75 5.45 -5.63
C PHE C 512 16.20 5.01 -5.60
N TYR C 513 16.47 3.83 -6.13
CA TYR C 513 17.84 3.31 -6.22
C TYR C 513 18.28 3.66 -7.63
N PRO C 514 19.20 4.62 -7.77
CA PRO C 514 19.62 4.94 -9.15
C PRO C 514 20.39 3.86 -9.90
N SER C 515 21.20 3.07 -9.19
CA SER C 515 21.99 2.05 -9.85
C SER C 515 21.20 1.25 -10.87
N ASN C 516 20.02 0.76 -10.51
CA ASN C 516 19.20 0.00 -11.45
C ASN C 516 17.80 0.57 -11.64
N LYS C 517 17.68 1.89 -11.51
CA LYS C 517 16.43 2.63 -11.64
C LYS C 517 15.25 1.88 -11.07
N THR C 518 15.33 1.56 -9.78
CA THR C 518 14.27 0.84 -9.11
C THR C 518 13.64 1.75 -8.07
N VAL C 519 12.32 1.68 -7.93
CA VAL C 519 11.58 2.52 -6.99
C VAL C 519 10.93 1.64 -5.95
N GLU C 520 11.06 2.00 -4.68
CA GLU C 520 10.47 1.26 -3.59
C GLU C 520 9.58 2.13 -2.68
N ASP C 521 8.84 1.51 -1.78
CA ASP C 521 7.91 2.24 -0.89
C ASP C 521 8.01 1.87 0.56
N SER C 522 7.66 2.81 1.41
CA SER C 522 7.62 2.58 2.84
C SER C 522 6.40 3.27 3.38
N LYS C 523 5.90 2.78 4.51
CA LYS C 523 4.72 3.35 5.15
C LYS C 523 4.89 3.13 6.66
N LEU C 524 4.81 4.21 7.44
CA LEU C 524 5.02 4.11 8.88
C LEU C 524 3.76 4.30 9.75
N GLN C 525 2.60 4.33 9.12
CA GLN C 525 1.34 4.53 9.83
C GLN C 525 1.18 3.74 11.11
N GLY C 526 1.50 2.45 11.03
CA GLY C 526 1.36 1.55 12.16
C GLY C 526 2.25 1.73 13.37
N PHE C 527 3.31 2.51 13.26
CA PHE C 527 4.20 2.74 14.41
C PHE C 527 3.58 3.78 15.35
N SER D 9 2.00 58.18 2.76
CA SER D 9 1.39 57.26 3.77
C SER D 9 1.01 55.91 3.14
N TYR D 10 0.85 54.90 4.00
CA TYR D 10 0.46 53.57 3.53
C TYR D 10 -0.45 52.90 4.55
N VAL D 11 -1.67 52.60 4.12
CA VAL D 11 -2.67 51.98 4.99
C VAL D 11 -2.88 50.49 4.74
N LEU D 12 -3.12 49.76 5.82
CA LEU D 12 -3.41 48.33 5.75
C LEU D 12 -4.89 48.21 6.06
N PRO D 13 -5.67 47.66 5.13
CA PRO D 13 -7.11 47.52 5.40
C PRO D 13 -7.39 46.61 6.58
N GLU D 14 -8.21 47.11 7.49
CA GLU D 14 -8.65 46.43 8.69
C GLU D 14 -7.69 45.50 9.42
N VAL D 15 -6.72 46.06 10.13
CA VAL D 15 -5.80 45.22 10.90
C VAL D 15 -6.55 44.94 12.19
N ILE D 16 -6.45 43.73 12.72
CA ILE D 16 -7.15 43.41 13.96
C ILE D 16 -6.22 43.39 15.16
N CYS D 17 -6.70 43.96 16.27
CA CYS D 17 -5.93 44.01 17.50
C CYS D 17 -6.16 42.68 18.19
N ARG D 18 -5.11 41.89 18.34
CA ARG D 18 -5.23 40.57 18.97
C ARG D 18 -5.63 40.65 20.44
N SER D 19 -5.44 41.82 21.05
CA SER D 19 -5.79 42.00 22.46
C SER D 19 -7.24 42.33 22.74
N CYS D 20 -7.87 43.10 21.88
CA CYS D 20 -9.26 43.49 22.12
C CYS D 20 -10.21 43.27 20.93
N ASN D 21 -9.65 42.91 19.78
CA ASN D 21 -10.43 42.64 18.57
C ASN D 21 -10.90 43.88 17.82
N PHE D 22 -10.39 45.04 18.20
CA PHE D 22 -10.77 46.29 17.53
C PHE D 22 -10.21 46.31 16.12
N CYS D 23 -11.11 46.44 15.16
CA CYS D 23 -10.73 46.44 13.75
C CYS D 23 -10.73 47.86 13.18
N ARG D 24 -9.68 48.19 12.44
CA ARG D 24 -9.56 49.49 11.82
C ARG D 24 -8.42 49.46 10.82
N ASP D 25 -8.48 50.32 9.80
CA ASP D 25 -7.41 50.37 8.82
C ASP D 25 -6.24 51.02 9.56
N LEU D 26 -5.02 50.66 9.19
CA LEU D 26 -3.84 51.21 9.87
C LEU D 26 -2.91 51.90 8.90
N ASP D 27 -2.65 53.18 9.13
CA ASP D 27 -1.74 53.92 8.27
C ASP D 27 -0.36 53.77 8.90
N LEU D 28 0.52 53.05 8.22
CA LEU D 28 1.87 52.79 8.73
C LEU D 28 2.76 54.02 8.81
N CYS D 29 2.57 54.96 7.91
CA CYS D 29 3.38 56.18 7.91
C CYS D 29 2.89 57.21 8.95
N LYS D 30 1.57 57.24 9.18
CA LYS D 30 0.96 58.19 10.11
C LYS D 30 0.63 57.69 11.51
N ASP D 31 0.62 56.39 11.74
CA ASP D 31 0.25 55.88 13.07
C ASP D 31 1.36 55.29 13.94
N SER D 32 2.61 55.65 13.67
CA SER D 32 3.72 55.14 14.48
C SER D 32 3.80 55.95 15.77
N SER D 33 4.64 55.51 16.69
CA SER D 33 4.83 56.18 17.97
C SER D 33 6.13 56.97 17.97
N PRO D 42 9.95 52.50 17.60
CA PRO D 42 9.15 52.43 16.37
C PRO D 42 8.04 51.37 16.48
N GLN D 43 6.84 51.81 16.84
CA GLN D 43 5.71 50.89 17.01
C GLN D 43 4.36 51.41 16.54
N TRP D 44 3.39 50.50 16.57
CA TRP D 44 2.01 50.79 16.18
C TRP D 44 1.12 50.33 17.30
N LEU D 45 0.36 51.25 17.86
CA LEU D 45 -0.54 50.90 18.94
C LEU D 45 -1.97 50.79 18.44
N CYS D 46 -2.77 50.01 19.16
CA CYS D 46 -4.16 49.83 18.83
C CYS D 46 -4.80 51.16 19.19
N SER D 47 -5.87 51.54 18.51
CA SER D 47 -6.54 52.80 18.82
C SER D 47 -7.41 52.64 20.06
N ASN D 48 -8.25 51.60 20.06
CA ASN D 48 -9.15 51.35 21.19
C ASN D 48 -8.39 51.10 22.47
N CYS D 49 -7.65 50.01 22.53
CA CYS D 49 -6.83 49.71 23.70
C CYS D 49 -5.48 50.20 23.21
N GLN D 50 -4.49 50.28 24.08
CA GLN D 50 -3.22 50.79 23.59
C GLN D 50 -2.14 49.71 23.45
N ALA D 51 -2.60 48.49 23.19
CA ALA D 51 -1.71 47.34 23.01
C ALA D 51 -0.91 47.55 21.72
N PRO D 52 0.39 47.21 21.73
CA PRO D 52 1.16 47.40 20.50
C PRO D 52 0.85 46.32 19.47
N TYR D 53 0.71 46.72 18.21
CA TYR D 53 0.46 45.73 17.16
C TYR D 53 1.74 44.93 16.99
N ASP D 54 1.57 43.64 16.74
CA ASP D 54 2.67 42.70 16.54
C ASP D 54 3.41 43.01 15.24
N SER D 55 4.59 43.61 15.35
CA SER D 55 5.37 43.95 14.15
C SER D 55 5.45 42.75 13.20
N SER D 56 5.68 41.59 13.79
CA SER D 56 5.76 40.32 13.06
C SER D 56 4.56 40.17 12.11
N ALA D 57 3.36 40.39 12.64
CA ALA D 57 2.15 40.30 11.84
C ALA D 57 2.14 41.34 10.70
N ILE D 58 2.47 42.59 11.03
CA ILE D 58 2.51 43.66 10.03
C ILE D 58 3.45 43.27 8.90
N GLU D 59 4.65 42.82 9.25
CA GLU D 59 5.64 42.41 8.27
C GLU D 59 5.02 41.42 7.28
N MET D 60 4.47 40.33 7.83
CA MET D 60 3.87 39.30 6.99
C MET D 60 2.73 39.81 6.12
N THR D 61 1.92 40.73 6.63
CA THR D 61 0.82 41.28 5.86
C THR D 61 1.38 42.09 4.68
N LEU D 62 2.48 42.80 4.94
CA LEU D 62 3.11 43.58 3.89
C LEU D 62 3.64 42.65 2.82
N VAL D 63 4.22 41.53 3.25
CA VAL D 63 4.74 40.53 2.34
C VAL D 63 3.62 40.02 1.46
N GLU D 64 2.50 39.65 2.08
CA GLU D 64 1.36 39.15 1.33
C GLU D 64 0.87 40.21 0.34
N VAL D 65 0.97 41.47 0.73
CA VAL D 65 0.55 42.54 -0.15
C VAL D 65 1.45 42.53 -1.39
N LEU D 66 2.74 42.27 -1.20
CA LEU D 66 3.65 42.18 -2.33
C LEU D 66 3.27 40.99 -3.20
N GLN D 67 2.93 39.88 -2.57
CA GLN D 67 2.54 38.69 -3.30
C GLN D 67 1.30 38.99 -4.12
N LYS D 68 0.25 39.42 -3.44
CA LYS D 68 -1.00 39.70 -4.13
C LYS D 68 -0.80 40.65 -5.32
N LYS D 69 0.12 41.60 -5.17
CA LYS D 69 0.39 42.55 -6.25
C LYS D 69 1.26 41.93 -7.32
N LEU D 70 2.15 41.03 -6.91
CA LEU D 70 3.03 40.34 -7.84
C LEU D 70 2.14 39.40 -8.68
N MET D 71 1.08 38.90 -8.05
CA MET D 71 0.14 38.02 -8.71
C MET D 71 -0.66 38.83 -9.73
N ALA D 72 -1.16 39.98 -9.25
CA ALA D 72 -1.95 40.86 -10.09
C ALA D 72 -1.20 41.21 -11.36
N PHE D 73 0.10 41.45 -11.22
CA PHE D 73 0.94 41.79 -12.35
C PHE D 73 1.08 40.66 -13.35
N THR D 74 1.28 39.45 -12.83
CA THR D 74 1.48 38.27 -13.66
C THR D 74 0.25 37.86 -14.45
N LEU D 75 -0.92 38.16 -13.91
CA LEU D 75 -2.19 37.79 -14.56
C LEU D 75 -2.91 38.96 -15.20
N GLN D 76 -2.30 40.14 -15.15
CA GLN D 76 -2.88 41.36 -15.69
C GLN D 76 -3.34 41.29 -17.15
N ASP D 77 -4.40 42.04 -17.45
CA ASP D 77 -4.91 42.09 -18.81
C ASP D 77 -3.94 42.90 -19.65
N LEU D 78 -4.01 42.73 -20.95
CA LEU D 78 -3.15 43.48 -21.85
C LEU D 78 -4.07 44.24 -22.82
N VAL D 79 -3.77 45.52 -23.04
CA VAL D 79 -4.57 46.36 -23.91
C VAL D 79 -3.82 46.81 -25.18
N CYS D 80 -4.57 47.00 -26.26
CA CYS D 80 -4.00 47.46 -27.52
C CYS D 80 -3.87 48.97 -27.40
N LEU D 81 -2.76 49.52 -27.89
CA LEU D 81 -2.58 50.97 -27.82
C LEU D 81 -3.42 51.72 -28.84
N LYS D 82 -3.69 51.09 -29.99
CA LYS D 82 -4.51 51.72 -31.03
C LYS D 82 -5.96 51.71 -30.57
N CYS D 83 -6.59 50.54 -30.58
CA CYS D 83 -7.97 50.44 -30.09
C CYS D 83 -7.83 50.06 -28.62
N ARG D 84 -8.81 50.39 -27.81
CA ARG D 84 -8.68 50.05 -26.40
C ARG D 84 -9.18 48.64 -26.11
N GLY D 85 -8.88 47.73 -27.05
CA GLY D 85 -9.30 46.34 -26.91
C GLY D 85 -8.40 45.45 -26.09
N VAL D 86 -8.98 44.77 -25.11
CA VAL D 86 -8.26 43.87 -24.22
C VAL D 86 -7.88 42.60 -24.99
N LYS D 87 -6.62 42.17 -24.85
CA LYS D 87 -6.16 40.98 -25.54
C LYS D 87 -6.99 39.77 -25.07
N GLU D 88 -7.45 38.98 -26.02
CA GLU D 88 -8.29 37.82 -25.73
C GLU D 88 -7.66 36.48 -26.12
N THR D 89 -6.45 36.52 -26.65
CA THR D 89 -5.75 35.30 -27.03
C THR D 89 -4.40 35.32 -26.36
N SER D 90 -3.60 34.28 -26.55
CA SER D 90 -2.30 34.18 -25.89
C SER D 90 -1.05 34.48 -26.71
N MET D 91 -1.04 34.00 -27.95
CA MET D 91 0.12 34.15 -28.81
C MET D 91 0.33 35.44 -29.61
N PRO D 92 -0.74 36.05 -30.12
CA PRO D 92 -0.48 37.29 -30.89
C PRO D 92 0.44 38.30 -30.21
N VAL D 93 1.43 38.77 -30.96
CA VAL D 93 2.38 39.76 -30.49
C VAL D 93 1.85 41.16 -30.81
N TYR D 94 0.94 41.22 -31.79
CA TYR D 94 0.32 42.48 -32.23
C TYR D 94 -1.20 42.31 -32.24
N CYS D 95 -1.94 43.40 -32.39
CA CYS D 95 -3.40 43.30 -32.40
C CYS D 95 -3.98 43.13 -33.79
N SER D 96 -5.31 43.11 -33.87
CA SER D 96 -6.03 42.99 -35.13
C SER D 96 -5.61 44.21 -35.94
N CYS D 97 -5.31 45.31 -35.25
CA CYS D 97 -4.84 46.52 -35.90
C CYS D 97 -3.44 46.09 -36.31
N ALA D 98 -2.48 46.81 -35.75
CA ALA D 98 -1.07 46.57 -35.95
C ALA D 98 -0.58 47.20 -34.67
N GLY D 99 -1.56 47.54 -33.83
CA GLY D 99 -1.28 48.17 -32.56
C GLY D 99 -0.53 47.27 -31.61
N ASP D 100 0.15 47.87 -30.64
CA ASP D 100 0.90 47.11 -29.66
C ASP D 100 0.10 46.97 -28.38
N PHE D 101 0.33 45.86 -27.68
CA PHE D 101 -0.34 45.59 -26.42
C PHE D 101 0.48 46.23 -25.33
N ALA D 102 -0.20 46.76 -24.31
CA ALA D 102 0.51 47.42 -23.22
C ALA D 102 0.03 46.91 -21.88
N LEU D 103 0.91 46.99 -20.89
CA LEU D 103 0.61 46.56 -19.55
C LEU D 103 -0.54 47.39 -18.99
N THR D 104 -1.43 46.75 -18.23
CA THR D 104 -2.53 47.48 -17.61
C THR D 104 -2.10 47.71 -16.17
N ILE D 105 -1.07 46.99 -15.75
CA ILE D 105 -0.48 47.13 -14.42
C ILE D 105 0.99 47.34 -14.73
N HIS D 106 1.48 48.55 -14.44
CA HIS D 106 2.86 48.95 -14.76
C HIS D 106 3.98 48.53 -13.82
N THR D 107 5.14 48.29 -14.42
CA THR D 107 6.34 47.90 -13.69
C THR D 107 6.80 49.03 -12.77
N GLN D 108 6.81 50.23 -13.31
CA GLN D 108 7.24 51.42 -12.60
C GLN D 108 6.44 51.60 -11.32
N VAL D 109 5.12 51.46 -11.42
CA VAL D 109 4.26 51.61 -10.26
C VAL D 109 4.55 50.55 -9.20
N PHE D 110 5.02 49.37 -9.64
CA PHE D 110 5.34 48.29 -8.72
C PHE D 110 6.63 48.64 -7.98
N MET D 111 7.63 49.11 -8.72
CA MET D 111 8.91 49.49 -8.12
C MET D 111 8.70 50.52 -7.01
N GLU D 112 7.84 51.50 -7.26
CA GLU D 112 7.55 52.54 -6.28
C GLU D 112 7.02 51.86 -5.03
N GLN D 113 6.10 50.93 -5.22
CA GLN D 113 5.54 50.16 -4.10
C GLN D 113 6.70 49.57 -3.29
N ILE D 114 7.65 48.97 -4.00
CA ILE D 114 8.81 48.35 -3.36
C ILE D 114 9.66 49.38 -2.61
N GLY D 115 9.72 50.61 -3.14
CA GLY D 115 10.50 51.65 -2.49
C GLY D 115 9.90 52.01 -1.15
N ILE D 116 8.57 52.13 -1.13
CA ILE D 116 7.84 52.44 0.10
C ILE D 116 8.04 51.30 1.10
N PHE D 117 7.75 50.08 0.65
CA PHE D 117 7.90 48.91 1.50
C PHE D 117 9.34 48.77 1.96
N ARG D 118 10.29 49.06 1.08
CA ARG D 118 11.70 48.93 1.45
C ARG D 118 12.05 49.93 2.55
N ASN D 119 11.39 51.08 2.52
CA ASN D 119 11.65 52.10 3.53
C ASN D 119 11.11 51.66 4.87
N ILE D 120 9.82 51.31 4.89
CA ILE D 120 9.19 50.87 6.12
C ILE D 120 10.01 49.76 6.78
N ALA D 121 10.56 48.85 5.98
CA ALA D 121 11.36 47.74 6.50
C ALA D 121 12.63 48.28 7.12
N GLN D 122 13.33 49.13 6.37
CA GLN D 122 14.57 49.72 6.85
C GLN D 122 14.37 50.44 8.18
N HIS D 123 13.24 51.12 8.32
CA HIS D 123 12.93 51.88 9.54
C HIS D 123 12.36 51.07 10.71
N TYR D 124 11.76 49.90 10.44
CA TYR D 124 11.18 49.13 11.52
C TYR D 124 11.79 47.78 11.81
N GLY D 125 13.00 47.55 11.31
CA GLY D 125 13.67 46.28 11.56
C GLY D 125 12.85 45.07 11.14
N MET D 126 12.50 45.04 9.85
CA MET D 126 11.74 43.95 9.27
C MET D 126 12.70 43.23 8.30
N SER D 127 13.61 42.45 8.84
CA SER D 127 14.59 41.75 8.03
C SER D 127 13.96 40.83 7.00
N TYR D 128 12.88 40.13 7.36
CA TYR D 128 12.24 39.23 6.43
C TYR D 128 11.74 39.98 5.21
N LEU D 129 11.00 41.06 5.43
CA LEU D 129 10.46 41.85 4.31
C LEU D 129 11.59 42.43 3.47
N LEU D 130 12.72 42.75 4.10
CA LEU D 130 13.86 43.28 3.37
C LEU D 130 14.37 42.21 2.43
N GLU D 131 14.46 40.98 2.93
CA GLU D 131 14.92 39.85 2.15
C GLU D 131 14.07 39.62 0.92
N THR D 132 12.76 39.55 1.12
CA THR D 132 11.86 39.30 0.01
C THR D 132 11.98 40.44 -1.00
N LEU D 133 12.03 41.67 -0.50
CA LEU D 133 12.15 42.84 -1.37
C LEU D 133 13.43 42.74 -2.17
N GLU D 134 14.52 42.51 -1.48
CA GLU D 134 15.82 42.38 -2.11
C GLU D 134 15.79 41.34 -3.25
N TRP D 135 15.25 40.16 -2.96
CA TRP D 135 15.16 39.11 -3.98
C TRP D 135 14.36 39.66 -5.18
N LEU D 136 13.22 40.26 -4.86
CA LEU D 136 12.32 40.82 -5.85
C LEU D 136 13.03 41.85 -6.72
N LEU D 137 14.12 42.41 -6.21
CA LEU D 137 14.91 43.44 -6.91
C LEU D 137 16.07 42.83 -7.67
N GLN D 138 16.69 41.82 -7.05
CA GLN D 138 17.81 41.12 -7.63
C GLN D 138 17.40 40.46 -8.94
N LYS D 139 16.15 39.99 -9.00
CA LYS D 139 15.67 39.32 -10.20
C LYS D 139 15.11 40.26 -11.25
N ASN D 140 15.49 41.54 -11.16
CA ASN D 140 15.06 42.55 -12.13
C ASN D 140 16.10 43.63 -12.34
N PRO D 141 17.25 43.26 -12.94
CA PRO D 141 18.31 44.23 -13.19
C PRO D 141 17.87 45.40 -14.07
S SO4 E . 0.30 -22.72 -3.05
O1 SO4 E . 1.76 -22.88 -3.03
O2 SO4 E . -0.13 -22.47 -4.44
O3 SO4 E . -0.11 -21.60 -2.18
O4 SO4 E . -0.33 -23.94 -2.52
ZN ZN F . 29.28 -43.69 1.86
ZN ZN G . -22.43 -51.83 2.84
S SO4 H . -6.95 21.55 -3.66
O1 SO4 H . -5.96 20.45 -3.81
O2 SO4 H . -6.46 22.72 -4.40
O3 SO4 H . -7.11 21.88 -2.23
O4 SO4 H . -8.24 21.10 -4.22
ZN ZN I . -6.83 46.79 21.12
ZN ZN J . -6.06 46.70 -31.63
#